data_6MEO
#
_entry.id   6MEO
#
_cell.length_a   1
_cell.length_b   1
_cell.length_c   1
_cell.angle_alpha   90
_cell.angle_beta   90
_cell.angle_gamma   90
#
_symmetry.space_group_name_H-M   'P 1'
#
loop_
_entity.id
_entity.type
_entity.pdbx_description
1 polymer 'Envelope glycoprotein gp160'
2 polymer 'T-cell surface glycoprotein CD4'
3 polymer 'C-C chemokine receptor type 5'
4 branched 2-acetamido-2-deoxy-beta-D-glucopyranose-(1-4)-2-acetamido-2-deoxy-beta-D-glucopyranose
5 branched beta-D-mannopyranose-(1-4)-2-acetamido-2-deoxy-beta-D-glucopyranose-(1-4)-2-acetamido-2-deoxy-beta-D-glucopyranose
6 branched alpha-D-mannopyranose-(1-2)-alpha-D-mannopyranose-(1-3)-beta-D-mannopyranose-(1-4)-2-acetamido-2-deoxy-beta-D-glucopyranose-(1-4)-2-acetamido-2-deoxy-beta-D-glucopyranose
7 non-polymer 2-acetamido-2-deoxy-beta-D-glucopyranose
8 non-polymer beta-D-mannopyranose
9 non-polymer 2-acetamido-2-deoxy-alpha-D-galactopyranose
#
loop_
_entity_poly.entity_id
_entity_poly.type
_entity_poly.pdbx_seq_one_letter_code
_entity_poly.pdbx_strand_id
1 'polypeptide(L)'
;DNLWVTVYYGVPVWKEATTTLFCASDAKAYKAEVHNVWATHACVPTDPNPQEIVLENVTENFNMWKNNMVEQMHEDIISL
WDQSLKPCVKLTPLCVTLNCIDLNNSTNNNNSSGVKTGIDKGEIKNCSFNTTTSVKDKEKKEYALFYNLDVVQIGNDNTS
YRLTSCNTSVITQACPKVTFEPIPIHYCTPAGYAILKCNGKKFNGTGPCTNVSTVQCTHGIKPVVSTQLLLNGSLAEEDI
VIRSENLTNNAKTIIVQLKDPVDINCTRPNNNTRKSIHIGPGRAFYATGDIIGDIRQAHCNLSRAQWNDTLSKIVTKLRE
QFENKTIKFQPPSGGDPEIVFHSFNCGGEFFYCNTTQLFNSTWTNNTEGTSNTTGNDTITLPCRIKQIVNMWQEVGKAMY
APPIKGKIKCSSNITGLLLTRDGGNNEMNTTEIFRPGGGDMRDNWRSELYKYKVVRIEPLG
;
G
2 'polypeptide(L)'
;KKVVLGKKGDTVELTCTASQKKSIQFHWKNSNQIKILGNQGSFLTKGPSKLNDRADSRRSLWDQGNFPLIIKNLKIEDSD
TYICEVEDQKEEVQLLVFGLTANSDTHLLQGQSLTLTLESPPGSSPSVQCRSPRGKNIQGGKTLSVSQLELQDSGTWTCT
VLQNQKKVEFKIDIVV
;
A
3 'polypeptide(L)'
;MDYQVSSPI(TYS)DIN(TYS)YTSEPCQKINVKQIAARLLPPLYSLVFIFGFVGNMLVILILINCKRLKSMTDIYLLNL
AISDLFFLLTVPFWAHYAAAQWDFGNTMCQLLTGLYFIGFFSGIFFIILLTIDRYLAVVHAVFALKARTVTFGVVTSVIT
WVVAVFASLPGIIFTRSQKEGLHYTCSSHFPYSQYQFWKNFQTLKIVILGLVLPLLVMVICYSGILKTLLRCRNEKKRHR
AVRLIFTIMIVYFLFWAPYNIVLLLNTFQEFFGLNNCSSSNRLDQAMQVTETLGMTHCCINPIIYAFVGEKFRNYLLVFF
Q
;
B
#
# COMPACT_ATOMS: atom_id res chain seq x y z
N ASP A 1 6.05 25.81 35.77
CA ASP A 1 5.27 26.85 35.13
C ASP A 1 6.19 28.01 34.77
N ASN A 2 5.80 28.78 33.76
CA ASN A 2 6.53 29.93 33.27
C ASN A 2 5.77 31.22 33.54
N LEU A 3 6.50 32.33 33.44
CA LEU A 3 6.00 33.65 33.72
C LEU A 3 6.98 34.69 33.20
N TRP A 4 6.44 35.66 32.49
CA TRP A 4 7.17 36.77 31.91
C TRP A 4 6.41 38.04 32.20
N VAL A 5 7.11 39.17 32.21
CA VAL A 5 6.46 40.44 32.52
C VAL A 5 6.39 41.29 31.25
N THR A 6 5.32 42.08 31.18
CA THR A 6 5.08 42.98 30.06
C THR A 6 6.08 44.14 30.02
N VAL A 7 5.85 45.05 29.07
CA VAL A 7 6.52 46.34 29.00
C VAL A 7 5.42 47.39 28.80
N TYR A 8 5.26 48.28 29.80
CA TYR A 8 4.17 49.26 29.75
C TYR A 8 4.33 50.22 28.59
N TYR A 9 5.55 50.70 28.34
CA TYR A 9 5.80 51.64 27.26
C TYR A 9 7.27 51.53 26.87
N GLY A 10 7.54 51.06 25.67
CA GLY A 10 8.86 51.19 25.09
C GLY A 10 8.82 51.27 23.58
N VAL A 11 9.37 52.33 22.99
CA VAL A 11 9.57 52.37 21.54
C VAL A 11 11.04 52.71 21.28
N PRO A 12 12.03 51.84 21.62
CA PRO A 12 13.43 52.18 21.30
C PRO A 12 13.82 51.74 19.90
N VAL A 13 15.12 51.78 19.61
CA VAL A 13 15.64 51.39 18.30
C VAL A 13 15.58 49.87 18.17
N TRP A 14 15.10 49.40 17.01
CA TRP A 14 14.93 47.97 16.77
C TRP A 14 16.18 47.38 16.12
N LYS A 15 16.56 46.18 16.58
CA LYS A 15 17.70 45.45 16.04
C LYS A 15 17.30 44.00 15.90
N GLU A 16 17.56 43.45 14.71
CA GLU A 16 17.25 42.05 14.41
C GLU A 16 18.07 41.10 15.29
N ALA A 17 17.35 40.24 16.02
CA ALA A 17 17.95 39.29 16.95
C ALA A 17 17.78 37.87 16.45
N THR A 18 18.70 37.00 16.85
CA THR A 18 18.72 35.60 16.43
C THR A 18 18.77 34.67 17.65
N THR A 19 17.97 34.99 18.66
CA THR A 19 17.97 34.28 19.92
C THR A 19 17.17 32.96 19.85
N THR A 20 17.30 32.17 20.90
CA THR A 20 16.69 30.84 20.98
C THR A 20 15.35 30.94 21.70
N LEU A 21 14.27 30.62 21.00
CA LEU A 21 12.92 30.66 21.54
C LEU A 21 12.50 29.33 22.13
N PHE A 22 11.57 29.38 23.08
CA PHE A 22 10.98 28.20 23.71
C PHE A 22 9.55 27.99 23.22
N CYS A 23 9.20 26.74 22.95
CA CYS A 23 7.85 26.39 22.54
C CYS A 23 6.89 26.46 23.72
N ALA A 24 5.59 26.53 23.39
CA ALA A 24 4.54 26.57 24.42
C ALA A 24 3.26 26.00 23.81
N SER A 25 2.95 24.74 24.11
CA SER A 25 1.76 24.11 23.57
C SER A 25 0.93 23.51 24.69
N ASP A 26 -0.36 23.31 24.39
CA ASP A 26 -1.31 22.72 25.32
C ASP A 26 -1.24 21.20 25.16
N ALA A 27 -0.49 20.54 26.04
CA ALA A 27 -0.33 19.10 25.97
C ALA A 27 -1.37 18.42 26.86
N LYS A 28 -1.22 17.10 27.05
CA LYS A 28 -2.09 16.29 27.89
C LYS A 28 -1.31 15.48 28.92
N ALA A 29 -0.13 14.96 28.54
CA ALA A 29 0.80 14.21 29.39
C ALA A 29 0.23 12.91 29.96
N TYR A 30 -0.86 12.38 29.40
CA TYR A 30 -1.35 11.09 29.87
C TYR A 30 -1.55 10.11 28.72
N LYS A 31 -1.93 10.59 27.53
CA LYS A 31 -2.15 9.70 26.41
C LYS A 31 -0.83 9.20 25.83
N ALA A 32 -0.94 8.19 24.97
CA ALA A 32 0.20 7.62 24.26
C ALA A 32 0.45 8.36 22.93
N GLU A 33 -0.19 9.51 22.73
CA GLU A 33 0.06 10.34 21.57
C GLU A 33 1.46 10.93 21.63
N VAL A 34 2.18 10.85 20.51
CA VAL A 34 3.60 11.22 20.47
C VAL A 34 3.77 12.71 20.69
N HIS A 35 2.96 13.53 20.01
CA HIS A 35 3.05 14.99 20.16
C HIS A 35 2.71 15.44 21.58
N ASN A 36 1.91 14.66 22.31
CA ASN A 36 1.71 14.93 23.73
C ASN A 36 2.91 14.50 24.56
N VAL A 37 3.65 13.48 24.10
CA VAL A 37 4.85 13.04 24.82
C VAL A 37 5.99 14.03 24.59
N TRP A 38 6.16 14.49 23.35
CA TRP A 38 7.22 15.43 23.03
C TRP A 38 6.99 16.79 23.71
N ALA A 39 5.74 17.25 23.72
CA ALA A 39 5.43 18.53 24.36
C ALA A 39 5.56 18.44 25.87
N THR A 40 5.42 17.25 26.44
CA THR A 40 5.55 17.11 27.88
C THR A 40 7.01 17.22 28.28
N HIS A 41 7.91 16.57 27.54
CA HIS A 41 9.32 16.62 27.90
C HIS A 41 9.98 17.90 27.45
N ALA A 42 9.53 18.50 26.35
CA ALA A 42 10.07 19.81 25.95
C ALA A 42 8.98 20.60 25.24
N CYS A 43 8.19 21.33 26.05
CA CYS A 43 7.28 22.45 25.81
C CYS A 43 6.68 22.80 27.17
N VAL A 44 6.12 23.99 27.27
CA VAL A 44 5.49 24.48 28.49
C VAL A 44 4.02 24.75 28.20
N PRO A 45 3.15 24.92 29.20
CA PRO A 45 1.75 25.25 28.89
C PRO A 45 1.59 26.65 28.31
N THR A 46 0.51 26.81 27.56
CA THR A 46 0.21 28.04 26.84
C THR A 46 -0.11 29.18 27.81
N ASP A 47 0.12 30.41 27.31
CA ASP A 47 -0.16 31.62 28.07
C ASP A 47 -1.67 31.81 28.19
N PRO A 48 -2.24 31.83 29.41
CA PRO A 48 -3.69 32.01 29.54
C PRO A 48 -4.17 33.42 29.27
N ASN A 49 -3.30 34.42 29.43
CA ASN A 49 -3.67 35.82 29.23
C ASN A 49 -2.65 36.47 28.29
N PRO A 50 -2.87 36.39 26.98
CA PRO A 50 -1.96 37.06 26.04
C PRO A 50 -2.25 38.55 25.95
N GLN A 51 -1.20 39.30 25.60
CA GLN A 51 -1.28 40.76 25.49
C GLN A 51 -0.67 41.20 24.17
N GLU A 52 -1.46 41.89 23.35
CA GLU A 52 -1.01 42.40 22.06
C GLU A 52 -1.04 43.93 22.13
N ILE A 53 0.13 44.54 22.29
CA ILE A 53 0.23 46.00 22.34
C ILE A 53 0.27 46.52 20.91
N VAL A 54 -0.71 47.36 20.56
CA VAL A 54 -0.83 47.89 19.21
C VAL A 54 -0.04 49.18 19.10
N LEU A 55 0.86 49.26 18.12
CA LEU A 55 1.64 50.45 17.87
C LEU A 55 0.94 51.28 16.80
N GLU A 56 0.54 52.50 17.18
CA GLU A 56 -0.22 53.38 16.31
C GLU A 56 0.54 53.74 15.03
N ASN A 57 1.67 54.44 15.15
CA ASN A 57 2.43 54.90 13.99
C ASN A 57 3.82 54.27 13.99
N VAL A 58 3.94 53.08 13.42
CA VAL A 58 5.18 52.29 13.40
C VAL A 58 5.18 51.48 12.11
N THR A 59 6.32 51.47 11.41
CA THR A 59 6.48 50.66 10.21
C THR A 59 7.83 49.96 10.26
N GLU A 60 7.93 48.86 9.52
CA GLU A 60 9.14 48.04 9.51
C GLU A 60 9.12 47.21 8.23
N ASN A 61 10.32 46.84 7.76
CA ASN A 61 10.50 46.09 6.52
C ASN A 61 10.59 44.61 6.88
N PHE A 62 9.44 43.95 6.96
CA PHE A 62 9.41 42.52 7.29
C PHE A 62 9.81 41.71 6.07
N ASN A 63 11.10 41.42 5.96
CA ASN A 63 11.54 40.43 4.99
C ASN A 63 11.24 39.05 5.56
N MET A 64 10.76 38.15 4.71
CA MET A 64 10.27 36.87 5.17
C MET A 64 11.07 35.68 4.65
N TRP A 65 11.69 35.79 3.48
CA TRP A 65 12.50 34.70 2.97
C TRP A 65 13.91 34.70 3.54
N LYS A 66 14.29 35.75 4.28
CA LYS A 66 15.54 35.78 5.01
C LYS A 66 15.31 35.68 6.51
N ASN A 67 14.15 35.17 6.91
CA ASN A 67 13.80 35.04 8.32
C ASN A 67 14.56 33.87 8.93
N ASN A 68 15.30 34.15 10.00
CA ASN A 68 16.05 33.13 10.72
C ASN A 68 15.20 32.37 11.72
N MET A 69 13.98 32.82 11.99
CA MET A 69 13.11 32.13 12.93
C MET A 69 12.57 30.83 12.35
N VAL A 70 12.31 30.80 11.04
CA VAL A 70 11.85 29.57 10.40
C VAL A 70 12.98 28.55 10.28
N GLU A 71 14.23 29.01 10.36
CA GLU A 71 15.37 28.08 10.39
C GLU A 71 15.49 27.37 11.73
N GLN A 72 14.83 27.88 12.77
CA GLN A 72 14.82 27.24 14.08
C GLN A 72 13.70 26.22 14.20
N MET A 73 12.51 26.54 13.68
CA MET A 73 11.40 25.58 13.68
C MET A 73 11.74 24.35 12.84
N HIS A 74 12.44 24.55 11.72
CA HIS A 74 12.86 23.45 10.86
C HIS A 74 13.85 22.52 11.56
N GLU A 75 14.64 23.05 12.50
CA GLU A 75 15.53 22.22 13.29
C GLU A 75 14.87 21.72 14.56
N ASP A 76 13.64 22.13 14.85
CA ASP A 76 12.88 21.64 16.00
C ASP A 76 11.85 20.58 15.64
N ILE A 77 11.55 20.41 14.35
CA ILE A 77 10.64 19.35 13.93
C ILE A 77 11.44 18.10 13.55
N ILE A 78 12.65 18.26 13.02
CA ILE A 78 13.56 17.15 12.78
C ILE A 78 13.90 16.42 14.09
N SER A 79 13.95 17.16 15.19
CA SER A 79 14.10 16.56 16.51
C SER A 79 12.85 15.82 16.98
N LEU A 80 11.71 16.00 16.33
CA LEU A 80 10.50 15.25 16.68
C LEU A 80 10.37 13.97 15.87
N TRP A 81 10.79 13.98 14.60
CA TRP A 81 10.71 12.78 13.78
C TRP A 81 11.74 11.73 14.16
N ASP A 82 12.77 12.10 14.91
CA ASP A 82 13.69 11.12 15.48
C ASP A 82 13.19 10.56 16.80
N GLN A 83 12.03 11.03 17.27
CA GLN A 83 11.39 10.51 18.47
C GLN A 83 10.00 9.97 18.20
N SER A 84 9.51 10.04 16.97
CA SER A 84 8.14 9.66 16.65
C SER A 84 8.07 8.37 15.83
N LEU A 85 8.70 8.35 14.65
CA LEU A 85 8.64 7.19 13.76
C LEU A 85 10.06 6.69 13.57
N LYS A 86 10.46 5.73 14.39
CA LYS A 86 11.79 5.16 14.29
C LYS A 86 11.82 4.17 13.14
N PRO A 87 12.66 4.39 12.12
CA PRO A 87 12.64 3.54 10.94
C PRO A 87 13.30 2.19 11.19
N CYS A 88 12.84 1.19 10.44
CA CYS A 88 13.43 -0.13 10.52
C CYS A 88 14.84 -0.14 9.92
N VAL A 89 15.00 0.53 8.78
CA VAL A 89 16.29 0.68 8.12
C VAL A 89 16.43 2.15 7.76
N LYS A 90 17.39 2.83 8.38
CA LYS A 90 17.64 4.25 8.11
C LYS A 90 18.93 4.32 7.31
N LEU A 91 18.78 4.22 5.99
CA LEU A 91 19.91 4.29 5.08
C LEU A 91 20.23 5.76 4.79
N THR A 92 21.42 6.19 5.19
CA THR A 92 21.83 7.55 4.86
C THR A 92 23.24 7.55 4.27
N PRO A 93 23.50 8.42 3.30
CA PRO A 93 24.84 8.49 2.70
C PRO A 93 25.82 9.16 3.63
N LEU A 94 27.10 8.89 3.40
CA LEU A 94 28.17 9.45 4.23
C LEU A 94 29.46 9.47 3.41
N CYS A 95 29.86 10.65 2.96
CA CYS A 95 31.09 10.79 2.19
C CYS A 95 32.11 11.51 3.08
N VAL A 96 33.38 11.52 2.66
CA VAL A 96 34.35 12.21 3.49
C VAL A 96 35.00 13.42 2.83
N THR A 97 35.90 13.19 1.87
CA THR A 97 36.76 14.19 1.21
C THR A 97 37.54 13.56 0.07
N LEU A 98 37.32 14.02 -1.16
CA LEU A 98 38.15 13.59 -2.28
C LEU A 98 38.28 14.75 -3.26
N ASN A 99 39.49 15.29 -3.40
CA ASN A 99 39.76 16.40 -4.30
C ASN A 99 41.11 16.20 -4.96
N CYS A 100 41.37 16.99 -5.99
CA CYS A 100 42.63 16.95 -6.73
C CYS A 100 43.18 18.36 -6.90
N ILE A 101 44.48 18.43 -7.15
CA ILE A 101 45.17 19.71 -7.34
C ILE A 101 46.41 19.53 -8.21
N ASP A 157 39.35 23.10 -8.07
CA ASP A 157 38.64 23.52 -9.30
C ASP A 157 39.57 23.37 -10.51
N ASN A 158 40.85 23.75 -10.35
CA ASN A 158 41.84 23.65 -11.44
C ASN A 158 42.10 22.18 -11.76
N THR A 159 42.13 21.33 -10.74
CA THR A 159 42.37 19.88 -10.93
C THR A 159 41.06 19.09 -10.85
N SER A 160 41.06 17.88 -11.41
CA SER A 160 39.85 17.02 -11.57
C SER A 160 39.10 16.87 -10.25
N TYR A 161 37.76 16.90 -10.33
CA TYR A 161 36.91 16.92 -9.14
C TYR A 161 36.08 15.65 -9.06
N ARG A 162 36.74 14.50 -9.24
CA ARG A 162 36.07 13.20 -9.21
C ARG A 162 36.02 12.71 -7.77
N LEU A 163 34.87 12.88 -7.11
CA LEU A 163 34.65 12.45 -5.73
C LEU A 163 33.70 11.27 -5.76
N THR A 164 34.24 10.05 -5.75
CA THR A 164 33.43 8.85 -5.74
C THR A 164 33.55 8.05 -4.45
N SER A 165 34.12 8.63 -3.39
CA SER A 165 34.27 7.95 -2.11
C SER A 165 33.10 8.29 -1.21
N CYS A 166 32.17 7.34 -1.06
CA CYS A 166 30.97 7.56 -0.25
C CYS A 166 30.53 6.25 0.38
N ASN A 167 30.17 6.32 1.66
CA ASN A 167 29.84 5.17 2.49
C ASN A 167 28.35 5.16 2.79
N THR A 168 27.73 3.97 2.71
CA THR A 168 26.29 3.81 2.98
C THR A 168 26.11 3.23 4.39
N SER A 169 25.97 4.11 5.38
CA SER A 169 25.73 3.67 6.74
C SER A 169 24.25 3.37 6.95
N VAL A 170 23.95 2.18 7.46
CA VAL A 170 22.59 1.74 7.74
C VAL A 170 22.41 1.52 9.22
N ILE A 171 21.27 1.96 9.75
CA ILE A 171 20.92 1.84 11.16
C ILE A 171 19.62 1.04 11.28
N THR A 172 19.63 0.01 12.11
CA THR A 172 18.47 -0.86 12.32
C THR A 172 17.89 -0.60 13.70
N GLN A 173 16.62 -0.20 13.74
CA GLN A 173 15.92 0.10 14.99
C GLN A 173 14.58 -0.60 15.01
N ALA A 174 13.99 -0.68 16.20
CA ALA A 174 12.66 -1.26 16.36
C ALA A 174 11.60 -0.32 15.78
N CYS A 175 10.54 -0.90 15.21
CA CYS A 175 9.48 -0.16 14.54
C CYS A 175 8.12 -0.40 15.19
N PRO A 176 7.78 0.32 16.26
CA PRO A 176 6.40 0.23 16.77
C PRO A 176 5.47 1.22 16.08
N LYS A 177 4.32 0.74 15.61
CA LYS A 177 3.33 1.63 14.99
C LYS A 177 2.63 2.41 16.09
N VAL A 178 2.91 3.71 16.16
CA VAL A 178 2.41 4.57 17.22
C VAL A 178 1.37 5.53 16.65
N THR A 179 0.65 6.19 17.54
CA THR A 179 -0.33 7.19 17.15
C THR A 179 0.37 8.44 16.61
N PHE A 180 -0.37 9.22 15.82
CA PHE A 180 0.19 10.39 15.17
C PHE A 180 -0.92 11.40 14.90
N GLU A 181 -0.79 12.59 15.48
CA GLU A 181 -1.73 13.70 15.30
C GLU A 181 -1.04 15.00 15.69
N PRO A 182 -1.08 16.03 14.83
CA PRO A 182 -0.44 17.30 15.18
C PRO A 182 -1.20 18.05 16.27
N ILE A 183 -0.48 18.98 16.89
CA ILE A 183 -1.00 19.81 17.98
C ILE A 183 -0.53 21.25 17.76
N PRO A 184 -1.41 22.25 17.89
CA PRO A 184 -0.97 23.63 17.66
C PRO A 184 -0.04 24.12 18.77
N ILE A 185 1.11 24.65 18.36
CA ILE A 185 2.13 25.12 19.28
C ILE A 185 2.21 26.65 19.20
N HIS A 186 2.86 27.25 20.19
CA HIS A 186 3.09 28.69 20.25
C HIS A 186 4.55 28.92 20.59
N TYR A 187 5.29 29.55 19.69
CA TYR A 187 6.66 29.95 19.97
C TYR A 187 6.66 31.28 20.70
N CYS A 188 7.28 31.29 21.89
CA CYS A 188 7.32 32.46 22.74
C CYS A 188 8.75 32.96 22.82
N THR A 189 8.88 34.28 22.97
CA THR A 189 10.17 34.96 23.04
C THR A 189 10.85 34.77 24.39
N PRO A 190 12.19 34.69 24.41
CA PRO A 190 12.92 34.60 25.69
C PRO A 190 13.11 35.96 26.36
N ALA A 191 13.91 35.97 27.42
CA ALA A 191 14.10 37.16 28.25
C ALA A 191 14.90 38.22 27.51
N GLY A 192 14.29 39.38 27.29
CA GLY A 192 15.00 40.52 26.72
C GLY A 192 14.58 40.86 25.32
N TYR A 193 13.87 39.95 24.65
CA TYR A 193 13.50 40.18 23.23
C TYR A 193 11.99 40.35 23.07
N ALA A 194 11.55 40.68 21.86
CA ALA A 194 10.14 40.86 21.56
C ALA A 194 9.87 40.40 20.14
N ILE A 195 8.61 40.06 19.89
CA ILE A 195 8.17 39.59 18.58
C ILE A 195 7.11 40.54 18.05
N LEU A 196 7.37 41.14 16.89
CA LEU A 196 6.45 42.04 16.23
C LEU A 196 5.50 41.26 15.33
N LYS A 197 4.44 41.94 14.88
CA LYS A 197 3.41 41.30 14.06
C LYS A 197 2.67 42.37 13.28
N CYS A 198 2.65 42.25 11.95
CA CYS A 198 1.79 43.09 11.14
C CYS A 198 0.34 42.65 11.23
N ASN A 199 -0.56 43.55 10.85
CA ASN A 199 -1.99 43.26 10.82
C ASN A 199 -2.61 43.62 9.48
N GLY A 200 -1.80 43.90 8.47
CA GLY A 200 -2.32 44.20 7.16
C GLY A 200 -2.89 42.95 6.51
N LYS A 201 -4.01 43.12 5.81
CA LYS A 201 -4.73 41.99 5.23
C LYS A 201 -4.11 41.47 3.95
N LYS A 202 -3.12 42.17 3.39
CA LYS A 202 -2.41 41.72 2.19
C LYS A 202 -0.97 41.33 2.48
N PHE A 203 -0.20 42.26 3.05
CA PHE A 203 1.14 42.10 3.63
C PHE A 203 2.25 41.78 2.61
N ASN A 204 1.89 41.49 1.35
CA ASN A 204 2.74 41.52 0.15
C ASN A 204 3.91 40.53 0.18
N GLY A 205 4.16 39.88 1.31
CA GLY A 205 5.35 39.04 1.42
C GLY A 205 6.46 39.76 2.16
N THR A 206 7.44 40.24 1.39
CA THR A 206 8.58 40.98 1.94
C THR A 206 8.36 42.49 1.88
N GLY A 207 7.12 42.95 2.02
CA GLY A 207 6.81 44.35 1.95
C GLY A 207 6.45 44.95 3.30
N PRO A 208 6.78 46.23 3.49
CA PRO A 208 6.49 46.89 4.77
C PRO A 208 5.01 47.20 4.93
N CYS A 209 4.48 46.87 6.11
CA CYS A 209 3.11 47.21 6.46
C CYS A 209 3.14 48.47 7.34
N THR A 210 1.96 48.85 7.84
CA THR A 210 1.83 50.01 8.71
C THR A 210 1.20 49.70 10.06
N ASN A 211 0.42 48.63 10.16
CA ASN A 211 -0.27 48.28 11.41
C ASN A 211 0.54 47.23 12.17
N VAL A 212 1.69 47.68 12.67
CA VAL A 212 2.59 46.80 13.43
C VAL A 212 2.11 46.74 14.87
N SER A 213 1.99 45.52 15.40
CA SER A 213 1.67 45.31 16.81
C SER A 213 2.61 44.25 17.38
N THR A 214 3.01 44.43 18.63
CA THR A 214 3.93 43.49 19.27
C THR A 214 3.17 42.49 20.13
N VAL A 215 3.71 41.28 20.22
CA VAL A 215 3.14 40.18 20.99
C VAL A 215 4.24 39.52 21.80
N GLN A 216 3.88 38.44 22.48
CA GLN A 216 4.83 37.63 23.23
C GLN A 216 4.86 36.17 22.81
N CYS A 217 3.82 35.67 22.16
CA CYS A 217 3.75 34.29 21.68
C CYS A 217 2.99 34.28 20.37
N THR A 218 3.36 33.36 19.48
CA THR A 218 2.71 33.26 18.19
C THR A 218 1.36 32.55 18.33
N HIS A 219 0.62 32.51 17.22
CA HIS A 219 -0.69 31.87 17.18
C HIS A 219 -0.53 30.36 17.01
N GLY A 220 -1.66 29.67 16.78
CA GLY A 220 -1.64 28.23 16.67
C GLY A 220 -0.95 27.75 15.40
N ILE A 221 0.14 26.99 15.56
CA ILE A 221 0.95 26.53 14.45
C ILE A 221 0.99 25.01 14.51
N LYS A 222 0.53 24.36 13.45
CA LYS A 222 0.63 22.91 13.52
C LYS A 222 1.85 22.41 12.75
N PRO A 223 2.51 21.37 13.27
CA PRO A 223 3.71 20.84 12.61
C PRO A 223 3.46 19.89 11.45
N VAL A 224 2.26 19.96 10.84
CA VAL A 224 1.87 19.06 9.75
C VAL A 224 2.85 19.17 8.57
N VAL A 225 3.28 18.01 8.08
CA VAL A 225 4.26 17.90 7.00
C VAL A 225 3.52 17.42 5.76
N SER A 226 3.47 18.26 4.73
CA SER A 226 2.76 17.88 3.51
C SER A 226 3.37 18.59 2.30
N THR A 227 3.03 18.06 1.12
CA THR A 227 3.49 18.60 -0.15
C THR A 227 2.28 18.82 -1.06
N GLN A 228 2.40 19.82 -1.94
CA GLN A 228 1.50 20.21 -3.03
C GLN A 228 0.17 20.80 -2.58
N LEU A 229 -0.14 20.70 -1.29
CA LEU A 229 -1.37 21.23 -0.71
C LEU A 229 -1.08 21.45 0.76
N LEU A 230 -1.12 22.70 1.20
CA LEU A 230 -0.87 23.00 2.61
C LEU A 230 -2.09 22.62 3.43
N LEU A 231 -1.89 21.69 4.36
CA LEU A 231 -2.93 21.18 5.24
C LEU A 231 -3.19 22.14 6.40
N ASN A 232 -3.74 21.61 7.50
CA ASN A 232 -4.18 22.30 8.72
C ASN A 232 -3.35 23.51 9.13
N GLY A 233 -4.00 24.65 9.32
CA GLY A 233 -3.29 25.88 9.63
C GLY A 233 -4.23 27.07 9.56
N SER A 234 -3.62 28.25 9.53
CA SER A 234 -4.38 29.49 9.53
C SER A 234 -4.84 29.86 8.12
N LEU A 235 -5.97 30.55 8.07
CA LEU A 235 -6.57 30.99 6.82
C LEU A 235 -6.27 32.46 6.56
N ALA A 236 -6.58 32.90 5.34
CA ALA A 236 -6.44 34.30 4.99
C ALA A 236 -7.55 35.12 5.65
N GLU A 237 -7.35 36.44 5.67
CA GLU A 237 -8.31 37.32 6.33
C GLU A 237 -9.52 37.61 5.45
N GLU A 238 -9.29 38.26 4.30
CA GLU A 238 -10.39 38.67 3.44
C GLU A 238 -10.25 38.23 1.98
N ASP A 239 -9.03 38.06 1.49
CA ASP A 239 -8.88 37.67 0.07
C ASP A 239 -7.70 36.71 -0.10
N ILE A 240 -7.83 35.79 -1.07
CA ILE A 240 -6.76 34.86 -1.41
C ILE A 240 -5.58 35.65 -1.95
N VAL A 241 -4.46 35.61 -1.24
CA VAL A 241 -3.26 36.35 -1.62
C VAL A 241 -2.18 35.35 -2.05
N ILE A 242 -1.28 35.82 -2.90
CA ILE A 242 -0.16 35.01 -3.37
C ILE A 242 1.13 35.62 -2.85
N ARG A 243 2.09 34.75 -2.55
CA ARG A 243 3.39 35.19 -2.04
C ARG A 243 4.50 34.44 -2.76
N SER A 244 5.52 35.19 -3.15
CA SER A 244 6.70 34.63 -3.81
C SER A 244 7.84 35.63 -3.65
N GLU A 245 9.06 35.10 -3.52
CA GLU A 245 10.22 35.94 -3.28
C GLU A 245 10.54 36.81 -4.49
N ASN A 246 10.37 36.28 -5.69
CA ASN A 246 10.61 37.03 -6.92
C ASN A 246 9.83 36.37 -8.05
N LEU A 247 8.96 37.14 -8.70
CA LEU A 247 8.20 36.62 -9.83
C LEU A 247 9.08 36.71 -11.08
N THR A 248 8.75 35.87 -12.07
CA THR A 248 9.50 35.85 -13.35
C THR A 248 10.84 35.14 -13.14
N ASN A 249 11.15 34.83 -11.87
CA ASN A 249 12.40 34.13 -11.46
C ASN A 249 12.36 32.70 -11.99
N ASN A 250 11.16 32.10 -11.99
CA ASN A 250 10.88 30.71 -12.42
C ASN A 250 11.76 29.76 -11.60
N ALA A 251 11.96 30.09 -10.31
CA ALA A 251 12.76 29.26 -9.42
C ALA A 251 12.20 29.24 -8.01
N LYS A 252 11.68 30.36 -7.53
CA LYS A 252 11.09 30.45 -6.20
C LYS A 252 9.65 29.98 -6.25
N THR A 253 9.25 29.19 -5.26
CA THR A 253 7.89 28.68 -5.22
C THR A 253 6.91 29.79 -4.82
N ILE A 254 5.71 29.72 -5.38
CA ILE A 254 4.67 30.71 -5.14
C ILE A 254 3.70 30.16 -4.11
N ILE A 255 3.65 30.80 -2.94
CA ILE A 255 2.76 30.38 -1.87
C ILE A 255 1.41 31.06 -2.06
N VAL A 256 0.36 30.26 -2.18
CA VAL A 256 -1.00 30.76 -2.34
C VAL A 256 -1.77 30.37 -1.09
N GLN A 257 -2.26 31.38 -0.36
CA GLN A 257 -3.00 31.16 0.87
C GLN A 257 -4.48 31.39 0.62
N LEU A 258 -5.32 30.44 1.03
CA LEU A 258 -6.74 30.49 0.76
C LEU A 258 -7.49 31.20 1.89
N LYS A 259 -8.64 31.76 1.55
CA LYS A 259 -9.52 32.43 2.50
C LYS A 259 -10.73 31.59 2.89
N ASP A 260 -10.90 30.44 2.23
CA ASP A 260 -12.04 29.53 2.53
C ASP A 260 -11.50 28.11 2.73
N PRO A 261 -11.86 27.38 3.82
CA PRO A 261 -11.32 26.02 4.01
C PRO A 261 -11.96 25.00 3.08
N VAL A 262 -11.14 24.44 2.19
CA VAL A 262 -11.57 23.32 1.35
C VAL A 262 -11.32 22.05 2.14
N ASP A 263 -12.41 21.32 2.42
CA ASP A 263 -12.38 20.06 3.20
C ASP A 263 -11.92 18.88 2.34
N ILE A 264 -11.39 17.83 2.99
CA ILE A 264 -10.94 16.62 2.33
C ILE A 264 -11.05 15.45 3.31
N ASN A 265 -11.60 14.33 2.85
CA ASN A 265 -11.76 13.13 3.66
C ASN A 265 -11.00 12.02 2.99
N CYS A 266 -9.96 11.52 3.65
CA CYS A 266 -9.10 10.47 3.10
C CYS A 266 -9.21 9.25 4.00
N THR A 267 -9.82 8.19 3.49
CA THR A 267 -10.03 6.98 4.28
C THR A 267 -9.81 5.75 3.40
N ARG A 268 -9.57 4.61 4.06
CA ARG A 268 -9.48 3.35 3.36
C ARG A 268 -10.67 2.46 3.74
N PRO A 269 -11.29 1.79 2.77
CA PRO A 269 -12.42 0.92 3.08
C PRO A 269 -11.97 -0.40 3.71
N ASN A 270 -12.64 -0.77 4.81
CA ASN A 270 -12.27 -2.01 5.54
C ASN A 270 -12.93 -3.23 4.89
N ASN A 271 -12.48 -3.57 3.67
CA ASN A 271 -12.97 -4.76 2.97
C ASN A 271 -11.83 -5.71 2.62
N ASN A 272 -10.61 -5.41 3.06
CA ASN A 272 -9.48 -6.31 2.88
C ASN A 272 -9.70 -7.66 3.55
N THR A 273 -10.13 -7.65 4.80
CA THR A 273 -10.42 -8.90 5.52
C THR A 273 -11.80 -9.41 5.16
N ARG A 274 -11.90 -10.71 4.90
CA ARG A 274 -13.17 -11.29 4.49
C ARG A 274 -14.07 -11.57 5.69
N LYS A 275 -15.36 -11.33 5.49
CA LYS A 275 -16.35 -11.61 6.53
C LYS A 275 -17.31 -12.71 6.10
N SER A 276 -17.13 -13.30 4.92
CA SER A 276 -17.97 -14.41 4.50
C SER A 276 -17.32 -15.70 4.97
N ILE A 277 -18.14 -16.62 5.49
CA ILE A 277 -17.67 -17.89 6.00
C ILE A 277 -18.14 -19.03 5.11
N HIS A 278 -17.20 -19.83 4.62
CA HIS A 278 -17.49 -20.98 3.77
C HIS A 278 -17.70 -22.23 4.64
N ILE A 279 -18.65 -22.13 5.56
CA ILE A 279 -18.91 -23.13 6.59
C ILE A 279 -19.43 -24.43 5.97
N GLY A 280 -18.54 -25.42 5.84
CA GLY A 280 -18.92 -26.65 5.13
C GLY A 280 -17.73 -27.40 4.56
N PRO A 281 -17.73 -27.74 3.26
CA PRO A 281 -16.66 -28.52 2.63
C PRO A 281 -15.26 -27.87 2.73
N GLY A 282 -15.19 -26.54 2.63
CA GLY A 282 -13.90 -25.84 2.74
C GLY A 282 -13.64 -25.44 4.17
N ARG A 283 -13.64 -24.13 4.47
CA ARG A 283 -13.52 -23.69 5.88
C ARG A 283 -12.14 -24.06 6.42
N ALA A 284 -11.26 -24.58 5.55
CA ALA A 284 -9.91 -24.91 5.97
C ALA A 284 -8.86 -24.04 5.30
N PHE A 285 -8.95 -23.87 3.98
CA PHE A 285 -7.92 -23.15 3.24
C PHE A 285 -8.27 -21.67 3.17
N TYR A 286 -9.46 -21.37 2.62
CA TYR A 286 -10.04 -20.05 2.44
C TYR A 286 -10.69 -19.49 3.72
N ALA A 287 -10.35 -20.05 4.89
CA ALA A 287 -10.86 -19.69 6.22
C ALA A 287 -10.85 -18.19 6.55
N THR A 288 -11.66 -17.80 7.53
CA THR A 288 -12.24 -16.46 7.60
C THR A 288 -11.31 -15.48 8.31
N GLY A 289 -11.32 -14.24 7.84
CA GLY A 289 -10.31 -13.27 8.17
C GLY A 289 -9.11 -13.27 7.25
N ASP A 290 -9.19 -13.97 6.12
CA ASP A 290 -8.13 -13.98 5.12
C ASP A 290 -8.20 -12.72 4.26
N ILE A 291 -7.05 -12.03 4.15
CA ILE A 291 -6.93 -10.83 3.33
C ILE A 291 -7.27 -11.13 1.88
N ILE A 292 -8.16 -10.32 1.30
CA ILE A 292 -8.51 -10.49 -0.12
C ILE A 292 -8.17 -9.24 -0.94
N GLY A 293 -8.14 -8.07 -0.31
CA GLY A 293 -7.88 -6.83 -0.99
C GLY A 293 -6.49 -6.25 -0.73
N ASP A 294 -6.20 -5.17 -1.45
CA ASP A 294 -4.92 -4.48 -1.29
C ASP A 294 -4.96 -3.67 0.00
N ILE A 295 -3.98 -3.89 0.86
CA ILE A 295 -3.94 -3.25 2.18
C ILE A 295 -3.15 -1.95 2.13
N ARG A 296 -2.81 -1.49 0.92
CA ARG A 296 -2.05 -0.26 0.73
C ARG A 296 -2.77 0.67 -0.24
N GLN A 297 -4.10 0.62 -0.26
CA GLN A 297 -4.91 1.40 -1.19
C GLN A 297 -5.95 2.19 -0.41
N ALA A 298 -6.16 3.44 -0.82
CA ALA A 298 -7.17 4.28 -0.20
C ALA A 298 -7.77 5.19 -1.28
N HIS A 299 -8.57 6.17 -0.86
CA HIS A 299 -9.26 7.07 -1.77
C HIS A 299 -9.69 8.30 -0.98
N CYS A 300 -9.59 9.47 -1.61
CA CYS A 300 -10.08 10.71 -1.03
C CYS A 300 -11.24 11.24 -1.85
N ASN A 301 -11.89 12.28 -1.33
CA ASN A 301 -12.98 12.96 -2.02
C ASN A 301 -12.89 14.46 -1.79
N LEU A 302 -13.06 15.22 -2.86
CA LEU A 302 -13.03 16.67 -2.82
C LEU A 302 -14.33 17.22 -3.36
N SER A 303 -14.93 18.15 -2.62
CA SER A 303 -16.19 18.77 -3.01
C SER A 303 -15.93 19.67 -4.21
N ARG A 304 -16.30 19.19 -5.40
CA ARG A 304 -16.06 19.92 -6.64
C ARG A 304 -16.83 21.24 -6.67
N ALA A 305 -18.04 21.27 -6.10
CA ALA A 305 -18.85 22.48 -6.11
C ALA A 305 -18.29 23.57 -5.20
N GLN A 306 -17.42 23.21 -4.24
CA GLN A 306 -16.79 24.17 -3.36
C GLN A 306 -15.36 24.49 -3.74
N TRP A 307 -14.62 23.50 -4.24
CA TRP A 307 -13.23 23.70 -4.63
C TRP A 307 -13.11 24.55 -5.90
N ASN A 308 -14.14 24.50 -6.76
CA ASN A 308 -14.11 25.27 -8.00
C ASN A 308 -14.21 26.77 -7.74
N ASP A 309 -14.85 27.16 -6.64
CA ASP A 309 -14.93 28.58 -6.28
C ASP A 309 -13.58 29.13 -5.87
N THR A 310 -12.85 28.39 -5.04
CA THR A 310 -11.56 28.87 -4.53
C THR A 310 -10.51 28.90 -5.63
N LEU A 311 -10.55 27.95 -6.55
CA LEU A 311 -9.59 27.96 -7.65
C LEU A 311 -9.92 29.06 -8.66
N SER A 312 -11.20 29.42 -8.79
CA SER A 312 -11.60 30.53 -9.63
C SER A 312 -11.14 31.89 -9.10
N LYS A 313 -10.82 31.97 -7.81
CA LYS A 313 -10.28 33.20 -7.25
C LYS A 313 -8.77 33.28 -7.38
N ILE A 314 -8.09 32.14 -7.52
CA ILE A 314 -6.65 32.13 -7.71
C ILE A 314 -6.28 32.69 -9.08
N VAL A 315 -7.03 32.29 -10.12
CA VAL A 315 -6.75 32.73 -11.48
C VAL A 315 -7.06 34.21 -11.68
N THR A 316 -7.93 34.80 -10.85
CA THR A 316 -8.16 36.24 -10.95
C THR A 316 -7.00 37.03 -10.39
N LYS A 317 -6.33 36.51 -9.36
CA LYS A 317 -5.16 37.19 -8.80
C LYS A 317 -3.98 37.14 -9.79
N LEU A 318 -3.83 36.01 -10.49
CA LEU A 318 -2.73 35.86 -11.44
C LEU A 318 -2.89 36.78 -12.64
N ARG A 319 -4.14 36.99 -13.09
CA ARG A 319 -4.39 37.85 -14.25
C ARG A 319 -4.00 39.30 -13.97
N GLU A 320 -4.32 39.79 -12.78
CA GLU A 320 -3.92 41.14 -12.39
C GLU A 320 -2.41 41.26 -12.25
N GLN A 321 -1.76 40.19 -11.74
CA GLN A 321 -0.33 40.23 -11.50
C GLN A 321 0.47 40.11 -12.78
N PHE A 322 0.02 39.29 -13.74
CA PHE A 322 0.85 38.91 -14.88
C PHE A 322 0.28 39.41 -16.20
N GLU A 323 -0.64 40.39 -16.17
CA GLU A 323 -1.07 41.18 -17.33
C GLU A 323 -1.75 40.32 -18.41
N ASN A 324 -2.87 39.71 -18.00
CA ASN A 324 -3.88 39.13 -18.90
C ASN A 324 -3.32 37.98 -19.74
N LYS A 325 -2.89 36.93 -19.07
CA LYS A 325 -2.34 35.77 -19.75
C LYS A 325 -3.28 34.58 -19.64
N THR A 326 -2.93 33.51 -20.36
CA THR A 326 -3.73 32.29 -20.37
C THR A 326 -3.17 31.35 -19.32
N ILE A 327 -3.82 31.32 -18.16
CA ILE A 327 -3.44 30.44 -17.07
C ILE A 327 -3.71 28.99 -17.48
N LYS A 328 -2.67 28.18 -17.53
CA LYS A 328 -2.79 26.76 -17.85
C LYS A 328 -2.14 25.95 -16.74
N PHE A 329 -2.95 25.34 -15.88
CA PHE A 329 -2.40 24.39 -14.93
C PHE A 329 -2.06 23.07 -15.62
N GLN A 330 -1.14 22.34 -15.03
CA GLN A 330 -0.63 21.10 -15.62
C GLN A 330 -0.23 20.17 -14.48
N PRO A 331 -0.03 18.88 -14.76
CA PRO A 331 0.59 18.02 -13.76
C PRO A 331 2.09 18.28 -13.68
N PRO A 332 2.78 17.80 -12.65
CA PRO A 332 4.21 18.10 -12.53
C PRO A 332 5.04 17.36 -13.56
N SER A 333 6.29 17.80 -13.69
CA SER A 333 7.19 17.38 -14.76
C SER A 333 8.03 16.16 -14.38
N GLY A 334 7.70 15.49 -13.29
CA GLY A 334 8.43 14.30 -12.88
C GLY A 334 9.43 14.58 -11.76
N GLY A 335 10.02 13.50 -11.27
CA GLY A 335 10.97 13.58 -10.19
C GLY A 335 10.74 12.52 -9.13
N ASP A 336 10.86 12.91 -7.87
CA ASP A 336 10.65 12.00 -6.75
C ASP A 336 9.16 11.75 -6.55
N PRO A 337 8.77 10.57 -6.05
CA PRO A 337 7.35 10.30 -5.77
C PRO A 337 6.76 11.14 -4.64
N GLU A 338 7.58 11.80 -3.84
CA GLU A 338 7.10 12.76 -2.86
C GLU A 338 6.87 14.14 -3.46
N ILE A 339 7.22 14.33 -4.73
CA ILE A 339 7.04 15.59 -5.44
C ILE A 339 5.99 15.46 -6.55
N VAL A 340 6.01 14.33 -7.26
CA VAL A 340 5.05 14.09 -8.34
C VAL A 340 3.64 13.95 -7.77
N PHE A 341 3.52 13.33 -6.60
CA PHE A 341 2.23 13.10 -5.96
C PHE A 341 2.11 13.90 -4.67
N HIS A 342 0.91 13.89 -4.11
CA HIS A 342 0.66 14.47 -2.80
C HIS A 342 1.24 13.56 -1.73
N SER A 343 1.55 14.12 -0.57
CA SER A 343 2.15 13.31 0.48
C SER A 343 1.76 13.87 1.84
N PHE A 344 0.95 13.12 2.59
CA PHE A 344 0.61 13.49 3.96
C PHE A 344 0.60 12.24 4.81
N ASN A 345 0.48 12.43 6.12
CA ASN A 345 0.67 11.33 7.06
C ASN A 345 -0.54 11.23 7.98
N CYS A 346 -0.94 9.99 8.31
CA CYS A 346 -2.05 9.76 9.24
C CYS A 346 -1.76 8.45 9.99
N GLY A 347 -1.15 8.57 11.17
CA GLY A 347 -0.87 7.40 11.98
C GLY A 347 0.11 6.43 11.36
N GLY A 348 1.18 6.94 10.74
CA GLY A 348 2.12 6.10 10.04
C GLY A 348 1.69 5.67 8.65
N GLU A 349 0.47 6.00 8.24
CA GLU A 349 0.00 5.71 6.89
C GLU A 349 0.42 6.89 6.02
N PHE A 350 1.38 6.67 5.11
CA PHE A 350 1.91 7.77 4.31
C PHE A 350 1.19 7.73 2.96
N PHE A 351 0.07 8.46 2.90
CA PHE A 351 -0.74 8.54 1.70
C PHE A 351 0.01 9.25 0.59
N TYR A 352 0.17 8.58 -0.55
CA TYR A 352 0.76 9.18 -1.74
C TYR A 352 -0.33 9.31 -2.79
N CYS A 353 -0.99 10.47 -2.81
CA CYS A 353 -2.22 10.67 -3.55
C CYS A 353 -1.94 11.20 -4.95
N ASN A 354 -2.45 10.48 -5.95
CA ASN A 354 -2.36 10.90 -7.35
C ASN A 354 -3.27 12.10 -7.57
N THR A 355 -2.68 13.26 -7.90
CA THR A 355 -3.44 14.49 -8.11
C THR A 355 -3.50 14.92 -9.58
N THR A 356 -3.40 13.97 -10.50
CA THR A 356 -3.48 14.32 -11.92
C THR A 356 -4.89 14.77 -12.30
N GLN A 357 -5.92 14.21 -11.67
CA GLN A 357 -7.28 14.73 -11.84
C GLN A 357 -7.59 15.86 -10.86
N LEU A 358 -6.65 16.78 -10.71
CA LEU A 358 -6.84 17.98 -9.89
C LEU A 358 -6.20 19.22 -10.50
N PHE A 359 -5.26 19.07 -11.43
CA PHE A 359 -4.51 20.17 -12.00
C PHE A 359 -4.43 20.12 -13.53
N ASN A 360 -5.24 19.27 -14.17
CA ASN A 360 -5.20 19.16 -15.63
C ASN A 360 -5.77 20.40 -16.29
N SER A 361 -6.79 21.02 -15.68
CA SER A 361 -7.68 21.92 -16.40
C SER A 361 -7.01 23.22 -16.80
N THR A 362 -7.18 23.61 -18.07
CA THR A 362 -6.74 24.89 -18.59
C THR A 362 -7.84 25.92 -18.40
N TRP A 363 -7.45 27.19 -18.44
CA TRP A 363 -8.37 28.25 -18.08
C TRP A 363 -8.48 29.31 -19.16
N THR A 364 -9.65 29.95 -19.19
CA THR A 364 -10.00 31.07 -20.05
C THR A 364 -10.90 31.98 -19.22
N ASN A 365 -11.29 33.12 -19.77
CA ASN A 365 -12.16 34.03 -19.04
C ASN A 365 -13.59 33.47 -18.92
N ASN A 366 -14.47 34.27 -18.30
CA ASN A 366 -15.87 33.95 -18.03
C ASN A 366 -16.00 32.65 -17.23
N THR A 367 -15.48 32.73 -16.01
CA THR A 367 -15.47 31.60 -15.08
C THR A 367 -16.61 31.70 -14.09
N GLU A 368 -17.02 30.56 -13.56
CA GLU A 368 -18.10 30.49 -12.58
C GLU A 368 -17.93 29.29 -11.65
N ASP A 377 -18.58 16.36 -8.05
CA ASP A 377 -19.00 16.41 -6.66
C ASP A 377 -18.05 15.64 -5.75
N THR A 378 -17.77 14.39 -6.12
CA THR A 378 -16.87 13.52 -5.37
C THR A 378 -15.73 13.14 -6.31
N ILE A 379 -14.69 13.99 -6.36
CA ILE A 379 -13.47 13.68 -7.10
C ILE A 379 -12.76 12.53 -6.38
N THR A 380 -12.73 11.36 -7.02
CA THR A 380 -12.03 10.20 -6.48
C THR A 380 -10.54 10.41 -6.65
N LEU A 381 -9.84 10.71 -5.56
CA LEU A 381 -8.40 10.95 -5.52
C LEU A 381 -7.67 9.67 -5.14
N PRO A 382 -7.07 8.95 -6.09
CA PRO A 382 -6.45 7.64 -5.78
C PRO A 382 -5.13 7.79 -5.04
N CYS A 383 -5.07 7.25 -3.83
CA CYS A 383 -3.86 7.29 -3.02
C CYS A 383 -3.28 5.89 -2.88
N ARG A 384 -2.06 5.82 -2.33
CA ARG A 384 -1.37 4.54 -2.16
C ARG A 384 -0.35 4.65 -1.03
N ILE A 385 -0.44 3.75 -0.06
CA ILE A 385 0.49 3.71 1.06
C ILE A 385 1.78 3.03 0.63
N LYS A 386 2.89 3.76 0.69
CA LYS A 386 4.21 3.21 0.41
C LYS A 386 5.03 3.11 1.70
N GLN A 387 5.55 1.91 1.98
CA GLN A 387 6.42 1.72 3.13
C GLN A 387 7.73 2.50 3.00
N ILE A 388 8.53 2.17 1.99
CA ILE A 388 9.85 2.78 1.79
C ILE A 388 9.68 4.21 1.29
N VAL A 389 9.89 5.17 2.19
CA VAL A 389 9.69 6.57 1.90
C VAL A 389 11.01 7.33 2.00
N ASN A 390 11.11 8.40 1.22
CA ASN A 390 12.23 9.32 1.36
C ASN A 390 12.05 10.17 2.60
N MET A 391 13.16 10.49 3.25
CA MET A 391 13.16 11.39 4.39
C MET A 391 13.40 12.81 3.89
N TRP A 392 12.47 13.72 4.17
CA TRP A 392 12.69 15.12 3.87
C TRP A 392 13.83 15.72 4.70
N GLN A 393 14.17 15.06 5.81
CA GLN A 393 15.31 15.54 6.64
C GLN A 393 16.58 14.93 6.04
N GLU A 394 17.27 15.72 5.20
CA GLU A 394 18.53 15.36 4.49
C GLU A 394 18.28 14.31 3.41
N VAL A 395 19.36 13.65 2.98
CA VAL A 395 19.40 12.61 1.95
C VAL A 395 19.21 11.24 2.58
N GLY A 396 18.76 10.28 1.78
CA GLY A 396 18.58 8.91 2.23
C GLY A 396 17.12 8.52 2.30
N LYS A 397 16.91 7.24 2.64
CA LYS A 397 15.57 6.65 2.70
C LYS A 397 15.34 6.02 4.07
N ALA A 398 14.10 5.59 4.31
CA ALA A 398 13.72 5.00 5.58
C ALA A 398 12.61 3.99 5.35
N MET A 399 12.93 2.69 5.43
CA MET A 399 11.93 1.64 5.33
C MET A 399 11.12 1.53 6.62
N TYR A 400 9.80 1.51 6.49
CA TYR A 400 8.88 1.45 7.61
C TYR A 400 8.24 0.08 7.76
N ALA A 401 7.24 0.01 8.63
CA ALA A 401 6.52 -1.18 9.03
C ALA A 401 5.27 -1.38 8.18
N PRO A 402 4.69 -2.59 8.19
CA PRO A 402 3.42 -2.79 7.49
C PRO A 402 2.29 -2.03 8.15
N PRO A 403 1.23 -1.70 7.40
CA PRO A 403 0.11 -0.93 7.97
C PRO A 403 -0.68 -1.71 9.03
N ILE A 404 -1.63 -1.01 9.64
CA ILE A 404 -2.26 -1.44 10.88
C ILE A 404 -3.70 -1.89 10.62
N LYS A 405 -4.36 -2.40 11.66
CA LYS A 405 -5.68 -3.01 11.54
C LYS A 405 -6.75 -1.99 11.91
N GLY A 406 -7.47 -1.50 10.91
CA GLY A 406 -8.65 -0.70 11.18
C GLY A 406 -8.87 0.41 10.18
N LYS A 407 -9.96 1.15 10.35
CA LYS A 407 -10.26 2.27 9.47
C LYS A 407 -9.49 3.50 9.93
N ILE A 408 -8.78 4.13 8.99
CA ILE A 408 -8.03 5.35 9.24
C ILE A 408 -8.68 6.46 8.45
N LYS A 409 -9.12 7.51 9.13
CA LYS A 409 -9.82 8.62 8.50
C LYS A 409 -9.05 9.92 8.73
N CYS A 410 -8.79 10.64 7.65
CA CYS A 410 -8.08 11.92 7.69
C CYS A 410 -9.10 13.00 7.30
N SER A 411 -9.83 13.51 8.29
CA SER A 411 -10.80 14.59 8.05
C SER A 411 -10.05 15.92 8.15
N SER A 412 -9.33 16.23 7.09
CA SER A 412 -8.36 17.32 7.09
C SER A 412 -8.98 18.62 6.58
N ASN A 413 -8.11 19.59 6.30
CA ASN A 413 -8.44 20.92 5.80
C ASN A 413 -7.46 21.22 4.67
N ILE A 414 -7.75 22.28 3.92
CA ILE A 414 -6.80 22.80 2.94
C ILE A 414 -6.79 24.31 3.09
N THR A 415 -5.69 24.85 3.61
CA THR A 415 -5.56 26.28 3.86
C THR A 415 -4.67 26.99 2.84
N GLY A 416 -3.69 26.29 2.29
CA GLY A 416 -2.79 26.90 1.33
C GLY A 416 -2.61 26.10 0.06
N LEU A 417 -1.69 26.53 -0.78
CA LEU A 417 -1.41 25.86 -2.06
C LEU A 417 -0.03 26.29 -2.53
N LEU A 418 0.84 25.31 -2.79
CA LEU A 418 2.19 25.58 -3.27
C LEU A 418 2.22 25.37 -4.78
N LEU A 419 2.65 26.39 -5.51
CA LEU A 419 2.69 26.36 -6.97
C LEU A 419 4.03 26.87 -7.47
N THR A 420 4.56 26.21 -8.50
CA THR A 420 5.74 26.68 -9.19
C THR A 420 5.32 27.42 -10.45
N ARG A 421 6.29 27.75 -11.29
CA ARG A 421 6.02 28.51 -12.50
C ARG A 421 6.99 28.05 -13.58
N ASP A 422 6.50 27.96 -14.82
CA ASP A 422 7.29 27.56 -15.97
C ASP A 422 7.28 28.73 -16.95
N GLY A 423 8.27 29.61 -16.84
CA GLY A 423 8.44 30.71 -17.76
C GLY A 423 9.64 30.45 -18.66
N GLY A 424 9.58 31.00 -19.87
CA GLY A 424 10.66 30.81 -20.81
C GLY A 424 10.59 31.82 -21.93
N ASN A 425 11.72 31.97 -22.63
CA ASN A 425 11.80 32.86 -23.77
C ASN A 425 11.83 32.11 -25.09
N ASN A 426 12.07 30.79 -25.07
CA ASN A 426 11.86 29.97 -26.25
C ASN A 426 10.37 29.90 -26.60
N GLU A 427 9.52 29.77 -25.59
CA GLU A 427 8.08 29.81 -25.80
C GLU A 427 7.65 31.24 -26.11
N MET A 428 6.67 31.37 -27.02
CA MET A 428 6.22 32.67 -27.48
C MET A 428 5.44 33.43 -26.40
N ASN A 429 5.12 34.68 -26.75
CA ASN A 429 4.86 35.80 -25.84
C ASN A 429 3.89 35.50 -24.69
N THR A 430 2.91 34.62 -24.90
CA THR A 430 1.89 34.37 -23.88
C THR A 430 1.68 32.88 -23.66
N THR A 431 1.84 32.46 -22.39
CA THR A 431 1.56 31.19 -21.73
C THR A 431 1.82 31.38 -20.25
N GLU A 432 1.17 30.55 -19.43
CA GLU A 432 1.39 30.52 -17.98
C GLU A 432 1.16 29.09 -17.51
N ILE A 433 2.24 28.37 -17.23
CA ILE A 433 2.15 27.01 -16.69
C ILE A 433 2.47 27.06 -15.21
N PHE A 434 1.55 26.55 -14.39
CA PHE A 434 1.69 26.53 -12.94
C PHE A 434 1.61 25.08 -12.48
N ARG A 435 2.75 24.41 -12.44
CA ARG A 435 2.78 23.05 -11.96
C ARG A 435 2.83 23.03 -10.44
N PRO A 436 2.31 21.98 -9.80
CA PRO A 436 2.40 21.91 -8.33
C PRO A 436 3.82 21.62 -7.89
N GLY A 437 4.26 22.35 -6.87
CA GLY A 437 5.59 22.17 -6.35
C GLY A 437 5.60 21.80 -4.88
N GLY A 438 6.47 22.44 -4.11
CA GLY A 438 6.61 22.11 -2.71
C GLY A 438 7.48 20.89 -2.50
N GLY A 439 7.87 20.69 -1.25
CA GLY A 439 8.76 19.60 -0.90
C GLY A 439 9.83 20.10 0.04
N ASP A 440 10.23 21.36 -0.15
CA ASP A 440 11.13 22.04 0.76
C ASP A 440 10.32 22.46 1.97
N MET A 441 10.51 21.75 3.08
CA MET A 441 9.69 21.98 4.28
C MET A 441 9.95 23.32 4.94
N ARG A 442 11.07 23.98 4.63
CA ARG A 442 11.26 25.34 5.10
C ARG A 442 10.22 26.27 4.48
N ASP A 443 9.87 26.04 3.22
CA ASP A 443 8.81 26.80 2.55
C ASP A 443 7.43 26.47 3.11
N ASN A 444 7.27 25.32 3.77
CA ASN A 444 5.99 24.96 4.36
C ASN A 444 5.67 25.84 5.57
N TRP A 445 6.67 26.14 6.39
CA TRP A 445 6.42 26.98 7.56
C TRP A 445 6.72 28.45 7.34
N ARG A 446 7.33 28.83 6.21
CA ARG A 446 7.36 30.24 5.85
C ARG A 446 5.98 30.78 5.52
N SER A 447 5.06 29.92 5.12
CA SER A 447 3.66 30.27 4.91
C SER A 447 2.90 30.45 6.21
N GLU A 448 3.50 30.10 7.34
CA GLU A 448 2.88 30.26 8.66
C GLU A 448 3.55 31.32 9.50
N LEU A 449 4.88 31.46 9.40
CA LEU A 449 5.64 32.43 10.18
C LEU A 449 5.89 33.72 9.42
N TYR A 450 4.96 34.13 8.57
CA TYR A 450 5.18 35.34 7.78
C TYR A 450 4.82 36.59 8.54
N LYS A 451 3.90 36.51 9.50
CA LYS A 451 3.48 37.70 10.24
C LYS A 451 4.49 38.14 11.28
N TYR A 452 5.36 37.24 11.74
CA TYR A 452 6.17 37.51 12.92
C TYR A 452 7.61 37.82 12.54
N LYS A 453 8.35 38.34 13.52
CA LYS A 453 9.75 38.72 13.39
C LYS A 453 10.34 38.92 14.78
N VAL A 454 11.51 38.37 15.04
CA VAL A 454 12.15 38.45 16.35
C VAL A 454 13.14 39.60 16.33
N VAL A 455 12.91 40.59 17.19
CA VAL A 455 13.74 41.79 17.28
C VAL A 455 14.11 42.01 18.73
N ARG A 456 15.37 42.40 18.97
CA ARG A 456 15.85 42.64 20.35
C ARG A 456 15.91 44.14 20.62
N ILE A 457 15.23 44.58 21.69
CA ILE A 457 15.20 46.02 22.07
C ILE A 457 16.03 46.19 23.35
N GLU A 458 17.12 46.96 23.27
CA GLU A 458 18.01 47.18 24.44
C GLU A 458 17.28 48.01 25.50
N PRO A 459 17.45 47.73 26.80
CA PRO A 459 16.81 48.49 27.86
C PRO A 459 17.89 49.44 28.41
N LEU A 460 17.53 50.70 28.66
CA LEU A 460 18.48 51.67 29.25
C LEU A 460 18.80 51.25 30.70
N GLY A 461 17.77 50.81 31.44
CA GLY A 461 17.96 50.37 32.84
C GLY A 461 19.10 49.39 32.97
N LYS B 1 34.04 30.54 -18.50
CA LYS B 1 33.36 29.26 -18.58
C LYS B 1 34.24 28.21 -19.28
N LYS B 2 34.05 26.95 -18.93
CA LYS B 2 34.78 25.86 -19.55
C LYS B 2 33.90 25.17 -20.58
N VAL B 3 34.52 24.26 -21.34
CA VAL B 3 33.82 23.51 -22.38
C VAL B 3 34.23 22.04 -22.28
N VAL B 4 33.27 21.14 -22.48
CA VAL B 4 33.53 19.71 -22.50
C VAL B 4 33.02 19.15 -23.82
N LEU B 5 33.22 17.85 -24.04
CA LEU B 5 32.83 17.21 -25.29
C LEU B 5 32.04 15.94 -25.00
N GLY B 6 31.13 15.62 -25.94
CA GLY B 6 30.36 14.40 -25.84
C GLY B 6 30.76 13.37 -26.89
N LYS B 7 30.39 12.11 -26.69
CA LYS B 7 30.79 11.04 -27.58
C LYS B 7 29.59 10.30 -28.15
N LYS B 8 28.45 10.98 -28.27
CA LYS B 8 27.22 10.51 -28.93
C LYS B 8 26.68 9.24 -28.26
N GLY B 9 26.23 9.41 -27.03
CA GLY B 9 25.55 8.33 -26.35
C GLY B 9 25.94 8.11 -24.92
N ASP B 10 27.17 8.48 -24.55
CA ASP B 10 27.67 8.22 -23.22
C ASP B 10 27.12 9.26 -22.24
N THR B 11 27.65 9.27 -21.03
CA THR B 11 27.27 10.24 -20.01
C THR B 11 28.28 11.35 -19.92
N VAL B 12 27.82 12.50 -19.41
CA VAL B 12 28.67 13.67 -19.24
C VAL B 12 28.44 14.20 -17.83
N GLU B 13 29.49 14.80 -17.26
CA GLU B 13 29.44 15.32 -15.90
C GLU B 13 29.64 16.83 -15.96
N LEU B 14 28.65 17.56 -15.45
CA LEU B 14 28.71 19.02 -15.41
C LEU B 14 28.48 19.43 -13.97
N THR B 15 29.53 19.90 -13.31
CA THR B 15 29.50 20.19 -11.89
C THR B 15 29.42 21.70 -11.64
N CYS B 16 28.87 22.04 -10.47
CA CYS B 16 28.82 23.40 -10.00
C CYS B 16 29.68 23.52 -8.74
N THR B 17 29.85 24.75 -8.26
CA THR B 17 30.69 25.01 -7.11
C THR B 17 29.87 25.66 -6.00
N ALA B 18 30.08 25.20 -4.77
CA ALA B 18 29.39 25.74 -3.61
C ALA B 18 30.28 25.56 -2.39
N SER B 19 30.59 26.66 -1.71
CA SER B 19 31.46 26.63 -0.54
C SER B 19 30.70 26.87 0.75
N GLN B 20 29.37 26.94 0.70
CA GLN B 20 28.57 27.16 1.90
C GLN B 20 28.49 25.91 2.77
N LYS B 21 28.30 24.75 2.13
CA LYS B 21 28.15 23.43 2.77
C LYS B 21 26.97 23.46 3.76
N LYS B 22 25.78 23.65 3.18
CA LYS B 22 24.55 23.72 3.95
C LYS B 22 23.40 23.00 3.23
N SER B 23 23.67 22.39 2.08
CA SER B 23 22.67 21.84 1.15
C SER B 23 21.61 22.88 0.81
N ILE B 24 22.07 23.96 0.18
CA ILE B 24 21.22 25.06 -0.24
C ILE B 24 20.62 24.75 -1.61
N GLN B 25 19.63 25.53 -2.01
CA GLN B 25 18.86 25.23 -3.22
C GLN B 25 19.68 25.53 -4.47
N PHE B 26 19.70 24.58 -5.40
CA PHE B 26 20.33 24.77 -6.70
C PHE B 26 19.29 24.68 -7.80
N HIS B 27 19.70 25.07 -9.01
CA HIS B 27 18.86 24.99 -10.19
C HIS B 27 19.74 24.66 -11.39
N TRP B 28 19.08 24.35 -12.50
CA TRP B 28 19.76 24.02 -13.76
C TRP B 28 18.93 24.55 -14.91
N LYS B 29 19.44 25.60 -15.56
CA LYS B 29 18.72 26.24 -16.65
C LYS B 29 19.66 26.39 -17.85
N ASN B 30 19.08 26.32 -19.04
CA ASN B 30 19.83 26.47 -20.27
C ASN B 30 19.89 27.94 -20.67
N SER B 31 20.33 28.21 -21.91
CA SER B 31 20.32 29.57 -22.41
C SER B 31 18.90 30.06 -22.72
N ASN B 32 17.96 29.14 -22.95
CA ASN B 32 16.56 29.49 -23.19
C ASN B 32 15.75 29.54 -21.90
N GLN B 33 16.40 29.45 -20.74
CA GLN B 33 15.79 29.55 -19.41
C GLN B 33 14.72 28.47 -19.19
N ILE B 34 15.10 27.22 -19.41
CA ILE B 34 14.21 26.07 -19.25
C ILE B 34 14.75 25.21 -18.12
N LYS B 35 13.88 24.89 -17.15
CA LYS B 35 14.29 24.10 -16.01
C LYS B 35 14.50 22.64 -16.39
N ILE B 36 15.56 22.04 -15.85
CA ILE B 36 15.87 20.63 -16.04
C ILE B 36 15.94 19.89 -14.71
N LEU B 37 16.78 20.37 -13.79
CA LEU B 37 16.83 19.83 -12.44
C LEU B 37 16.82 20.99 -11.45
N GLY B 38 16.53 20.65 -10.20
CA GLY B 38 16.46 21.65 -9.15
C GLY B 38 16.26 21.08 -7.78
N ASN B 39 16.77 21.76 -6.76
CA ASN B 39 16.65 21.30 -5.39
C ASN B 39 15.29 21.65 -4.84
N GLN B 40 14.72 20.73 -4.07
CA GLN B 40 13.47 20.99 -3.34
C GLN B 40 13.64 20.36 -1.96
N GLY B 41 14.17 21.13 -1.02
CA GLY B 41 14.53 20.57 0.27
C GLY B 41 15.69 19.62 0.15
N SER B 42 15.43 18.32 0.26
CA SER B 42 16.42 17.29 -0.05
C SER B 42 15.99 16.45 -1.24
N PHE B 43 15.02 16.91 -2.02
CA PHE B 43 14.39 16.13 -3.07
C PHE B 43 14.82 16.64 -4.44
N LEU B 44 14.64 15.80 -5.45
CA LEU B 44 15.06 16.09 -6.82
C LEU B 44 13.82 16.28 -7.69
N THR B 45 13.78 17.41 -8.40
CA THR B 45 12.67 17.75 -9.29
C THR B 45 13.18 17.80 -10.72
N LYS B 46 12.78 16.82 -11.53
CA LYS B 46 13.11 16.83 -12.96
C LYS B 46 12.25 17.87 -13.66
N GLY B 47 12.88 18.96 -14.10
CA GLY B 47 12.17 20.08 -14.67
C GLY B 47 11.61 19.80 -16.05
N PRO B 48 10.69 20.65 -16.51
CA PRO B 48 10.01 20.45 -17.81
C PRO B 48 10.86 20.78 -19.04
N SER B 49 11.68 19.83 -19.45
CA SER B 49 12.45 19.99 -20.68
C SER B 49 12.33 18.75 -21.56
N LYS B 50 13.15 18.68 -22.61
CA LYS B 50 13.24 17.50 -23.45
C LYS B 50 14.27 16.49 -22.94
N LEU B 51 14.71 16.64 -21.68
CA LEU B 51 15.67 15.74 -21.06
C LEU B 51 15.11 15.19 -19.76
N ASN B 52 13.86 14.73 -19.81
CA ASN B 52 13.17 14.26 -18.61
C ASN B 52 13.74 12.93 -18.13
N ASP B 53 13.73 11.91 -18.99
CA ASP B 53 14.23 10.59 -18.64
C ASP B 53 15.72 10.43 -18.91
N ARG B 54 16.46 11.52 -18.97
CA ARG B 54 17.89 11.49 -19.24
C ARG B 54 18.74 12.16 -18.18
N ALA B 55 18.25 13.22 -17.53
CA ALA B 55 19.05 13.97 -16.58
C ALA B 55 19.06 13.27 -15.22
N ASP B 56 20.22 13.27 -14.58
CA ASP B 56 20.45 12.60 -13.31
C ASP B 56 21.38 13.45 -12.45
N SER B 57 21.34 13.18 -11.14
CA SER B 57 22.21 13.89 -10.21
C SER B 57 22.54 12.97 -9.05
N ARG B 58 23.75 13.12 -8.52
CA ARG B 58 24.26 12.30 -7.42
C ARG B 58 23.86 12.95 -6.10
N ARG B 59 22.89 12.36 -5.42
CA ARG B 59 22.35 12.96 -4.20
C ARG B 59 23.32 12.88 -3.03
N SER B 60 24.23 11.91 -3.05
CA SER B 60 25.17 11.74 -1.95
C SER B 60 26.17 12.89 -1.87
N LEU B 61 26.45 13.54 -2.99
CA LEU B 61 27.36 14.67 -3.04
C LEU B 61 26.71 16.01 -2.70
N TRP B 62 25.42 16.00 -2.34
CA TRP B 62 24.72 17.27 -2.10
C TRP B 62 25.12 17.90 -0.77
N ASP B 63 25.58 17.12 0.20
CA ASP B 63 26.03 17.65 1.49
C ASP B 63 27.52 17.94 1.49
N GLN B 64 28.13 18.05 0.31
CA GLN B 64 29.54 18.36 0.15
C GLN B 64 29.75 19.75 -0.43
N GLY B 65 29.08 20.07 -1.53
CA GLY B 65 29.21 21.36 -2.17
C GLY B 65 29.40 21.23 -3.66
N ASN B 66 29.27 20.00 -4.16
CA ASN B 66 29.38 19.70 -5.58
C ASN B 66 28.07 19.13 -6.08
N PHE B 67 27.52 19.74 -7.12
CA PHE B 67 26.24 19.34 -7.70
C PHE B 67 26.44 18.98 -9.16
N PRO B 68 26.48 17.69 -9.50
CA PRO B 68 26.74 17.30 -10.89
C PRO B 68 25.47 17.37 -11.73
N LEU B 69 25.64 17.06 -13.02
CA LEU B 69 24.54 17.00 -13.98
C LEU B 69 24.86 15.85 -14.93
N ILE B 70 24.27 14.68 -14.68
CA ILE B 70 24.54 13.47 -15.45
C ILE B 70 23.44 13.32 -16.49
N ILE B 71 23.80 13.45 -17.76
CA ILE B 71 22.86 13.30 -18.86
C ILE B 71 23.31 12.12 -19.71
N LYS B 72 22.45 11.10 -19.81
CA LYS B 72 22.73 9.93 -20.61
C LYS B 72 22.05 10.05 -21.97
N ASN B 73 22.54 9.25 -22.93
CA ASN B 73 22.08 9.22 -24.32
C ASN B 73 22.20 10.60 -24.97
N LEU B 74 23.45 11.06 -25.09
CA LEU B 74 23.72 12.39 -25.62
C LEU B 74 23.45 12.44 -27.12
N LYS B 75 22.56 13.35 -27.53
CA LYS B 75 22.25 13.57 -28.92
C LYS B 75 22.96 14.81 -29.43
N ILE B 76 22.83 15.05 -30.74
CA ILE B 76 23.48 16.21 -31.35
C ILE B 76 22.74 17.49 -30.99
N GLU B 77 21.41 17.43 -30.93
CA GLU B 77 20.59 18.60 -30.65
C GLU B 77 20.65 19.06 -29.21
N ASP B 78 21.28 18.30 -28.30
CA ASP B 78 21.37 18.68 -26.90
C ASP B 78 22.55 19.62 -26.61
N SER B 79 23.25 20.09 -27.64
CA SER B 79 24.38 20.99 -27.46
C SER B 79 23.89 22.38 -27.10
N ASP B 80 24.08 22.77 -25.84
CA ASP B 80 23.64 24.07 -25.36
C ASP B 80 24.43 24.40 -24.10
N THR B 81 24.41 25.67 -23.71
CA THR B 81 25.10 26.15 -22.53
C THR B 81 24.14 26.18 -21.35
N TYR B 82 24.64 25.79 -20.17
CA TYR B 82 23.85 25.68 -18.96
C TYR B 82 24.47 26.53 -17.86
N ILE B 83 23.63 27.26 -17.13
CA ILE B 83 24.07 28.09 -16.01
C ILE B 83 23.60 27.46 -14.70
N CYS B 84 24.45 27.57 -13.68
CA CYS B 84 24.13 27.09 -12.34
C CYS B 84 23.48 28.20 -11.53
N GLU B 85 22.95 27.85 -10.36
CA GLU B 85 22.30 28.84 -9.50
C GLU B 85 22.44 28.43 -8.04
N VAL B 86 23.51 28.90 -7.40
CA VAL B 86 23.74 28.68 -5.97
C VAL B 86 24.23 29.98 -5.36
N GLU B 87 23.68 30.33 -4.19
CA GLU B 87 24.03 31.51 -3.40
C GLU B 87 23.96 32.79 -4.24
N ASP B 88 22.89 32.89 -5.02
CA ASP B 88 22.59 33.99 -5.95
C ASP B 88 23.75 34.26 -6.91
N GLN B 89 24.17 33.21 -7.62
CA GLN B 89 25.27 33.30 -8.56
C GLN B 89 24.91 32.53 -9.82
N LYS B 90 25.64 32.81 -10.91
CA LYS B 90 25.39 32.21 -12.21
C LYS B 90 26.68 31.62 -12.77
N GLU B 91 26.96 30.37 -12.42
CA GLU B 91 28.14 29.66 -12.93
C GLU B 91 27.81 29.12 -14.31
N GLU B 92 28.23 29.84 -15.33
CA GLU B 92 27.96 29.46 -16.72
C GLU B 92 28.89 28.33 -17.15
N VAL B 93 28.32 27.33 -17.83
CA VAL B 93 29.07 26.19 -18.37
C VAL B 93 28.75 26.13 -19.86
N GLN B 94 29.33 25.16 -20.57
CA GLN B 94 29.13 24.97 -22.00
C GLN B 94 29.16 23.48 -22.29
N LEU B 95 28.48 23.06 -23.36
CA LEU B 95 28.40 21.65 -23.70
C LEU B 95 28.30 21.49 -25.21
N LEU B 96 29.09 20.56 -25.75
CA LEU B 96 29.13 20.29 -27.18
C LEU B 96 29.15 18.79 -27.39
N VAL B 97 28.28 18.28 -28.26
CA VAL B 97 28.21 16.87 -28.60
C VAL B 97 28.38 16.74 -30.12
N PHE B 98 29.06 15.68 -30.56
CA PHE B 98 29.23 15.42 -31.99
C PHE B 98 29.46 13.92 -32.17
N GLY B 99 29.53 13.50 -33.44
CA GLY B 99 29.69 12.10 -33.77
C GLY B 99 30.34 11.91 -35.13
N LEU B 100 30.76 10.69 -35.37
CA LEU B 100 31.47 10.34 -36.61
C LEU B 100 31.28 8.86 -36.89
N THR B 101 30.87 8.53 -38.12
CA THR B 101 30.69 7.14 -38.50
C THR B 101 30.95 6.98 -39.99
N ALA B 102 30.89 5.74 -40.46
CA ALA B 102 31.03 5.36 -41.86
C ALA B 102 29.66 4.98 -42.42
N ASN B 103 29.66 4.45 -43.64
CA ASN B 103 28.41 4.01 -44.26
C ASN B 103 28.51 2.55 -44.71
N SER B 104 29.72 2.11 -45.04
CA SER B 104 29.96 0.73 -45.46
C SER B 104 30.37 -0.08 -44.25
N ASP B 105 29.54 -1.05 -43.88
CA ASP B 105 29.73 -1.77 -42.62
C ASP B 105 30.85 -2.79 -42.71
N THR B 106 30.68 -3.80 -43.57
CA THR B 106 31.64 -4.90 -43.67
C THR B 106 32.25 -5.07 -45.05
N HIS B 107 31.66 -4.50 -46.10
CA HIS B 107 32.16 -4.70 -47.45
C HIS B 107 33.17 -3.59 -47.77
N LEU B 108 34.36 -3.74 -47.20
CA LEU B 108 35.50 -2.85 -47.45
C LEU B 108 36.62 -3.70 -48.05
N LEU B 109 36.59 -3.90 -49.35
CA LEU B 109 37.54 -4.78 -50.01
C LEU B 109 38.91 -4.10 -50.13
N GLN B 110 39.90 -4.89 -50.51
CA GLN B 110 41.26 -4.40 -50.70
C GLN B 110 41.33 -3.56 -51.96
N GLY B 111 41.60 -2.27 -51.81
CA GLY B 111 41.56 -1.35 -52.92
C GLY B 111 40.24 -0.68 -53.18
N GLN B 112 39.37 -0.59 -52.18
CA GLN B 112 38.07 0.04 -52.30
C GLN B 112 38.13 1.41 -51.63
N SER B 113 37.44 2.39 -52.22
CA SER B 113 37.53 3.76 -51.73
C SER B 113 36.81 3.90 -50.39
N LEU B 114 37.36 4.76 -49.54
CA LEU B 114 36.86 4.99 -48.19
C LEU B 114 36.01 6.25 -48.14
N THR B 115 34.92 6.19 -47.39
CA THR B 115 34.03 7.32 -47.19
C THR B 115 33.76 7.48 -45.69
N LEU B 116 33.76 8.72 -45.23
CA LEU B 116 33.42 9.06 -43.85
C LEU B 116 32.15 9.89 -43.81
N THR B 117 31.60 10.02 -42.61
CA THR B 117 30.37 10.81 -42.39
C THR B 117 30.50 11.47 -41.02
N LEU B 118 30.81 12.76 -41.02
CA LEU B 118 30.95 13.52 -39.78
C LEU B 118 29.63 14.17 -39.41
N GLU B 119 29.23 14.00 -38.15
CA GLU B 119 28.00 14.59 -37.63
C GLU B 119 28.38 15.60 -36.56
N SER B 120 28.67 16.82 -36.99
CA SER B 120 29.07 17.99 -36.21
C SER B 120 27.85 18.88 -35.94
N PRO B 121 27.79 19.52 -34.78
CA PRO B 121 26.63 20.38 -34.47
C PRO B 121 26.73 21.70 -35.20
N PRO B 122 25.59 22.32 -35.52
CA PRO B 122 25.63 23.65 -36.13
C PRO B 122 26.11 24.70 -35.14
N GLY B 123 26.77 25.72 -35.68
CA GLY B 123 27.34 26.76 -34.83
C GLY B 123 28.68 26.41 -34.23
N SER B 124 29.43 25.52 -34.87
CA SER B 124 30.74 25.11 -34.37
C SER B 124 31.66 24.82 -35.55
N SER B 125 32.96 24.93 -35.31
CA SER B 125 33.99 24.73 -36.32
C SER B 125 34.92 23.61 -35.88
N PRO B 126 34.61 22.36 -36.22
CA PRO B 126 35.48 21.24 -35.86
C PRO B 126 36.68 21.16 -36.79
N SER B 127 37.58 20.23 -36.48
CA SER B 127 38.79 20.02 -37.28
C SER B 127 39.19 18.56 -37.17
N VAL B 128 39.12 17.83 -38.28
CA VAL B 128 39.41 16.40 -38.29
C VAL B 128 40.93 16.20 -38.21
N GLN B 129 41.39 15.51 -37.18
CA GLN B 129 42.81 15.18 -37.00
C GLN B 129 42.88 13.70 -36.64
N CYS B 130 42.96 12.84 -37.65
CA CYS B 130 42.98 11.40 -37.42
C CYS B 130 44.39 10.90 -37.12
N ARG B 131 44.47 9.63 -36.75
CA ARG B 131 45.73 8.95 -36.51
C ARG B 131 45.61 7.52 -36.97
N SER B 132 46.54 7.08 -37.82
CA SER B 132 46.56 5.75 -38.37
C SER B 132 47.76 4.97 -37.85
N PRO B 133 47.66 3.64 -37.73
CA PRO B 133 48.84 2.84 -37.34
C PRO B 133 49.96 2.83 -38.37
N ARG B 134 49.68 3.19 -39.62
CA ARG B 134 50.71 3.34 -40.64
C ARG B 134 51.34 4.73 -40.65
N GLY B 135 51.02 5.57 -39.66
CA GLY B 135 51.63 6.88 -39.58
C GLY B 135 50.96 7.94 -40.44
N LYS B 136 49.67 7.79 -40.70
CA LYS B 136 48.92 8.72 -41.55
C LYS B 136 48.08 9.62 -40.65
N ASN B 137 48.66 10.77 -40.27
CA ASN B 137 47.95 11.77 -39.48
C ASN B 137 47.28 12.76 -40.44
N ILE B 138 46.24 12.27 -41.11
CA ILE B 138 45.59 13.01 -42.18
C ILE B 138 44.69 14.08 -41.57
N GLN B 139 44.97 15.34 -41.89
CA GLN B 139 44.19 16.48 -41.42
C GLN B 139 43.53 17.17 -42.61
N GLY B 140 42.33 17.70 -42.36
CA GLY B 140 41.61 18.40 -43.41
C GLY B 140 40.44 19.22 -42.89
N GLY B 141 39.34 19.24 -43.64
CA GLY B 141 38.15 19.95 -43.21
C GLY B 141 37.27 19.12 -42.30
N LYS B 142 35.98 19.04 -42.62
CA LYS B 142 35.04 18.23 -41.85
C LYS B 142 34.81 16.86 -42.49
N THR B 143 34.56 16.81 -43.79
CA THR B 143 34.37 15.56 -44.50
C THR B 143 35.70 15.09 -45.08
N LEU B 144 36.09 13.86 -44.77
CA LEU B 144 37.34 13.30 -45.24
C LEU B 144 37.08 12.02 -46.04
N SER B 145 37.77 11.89 -47.17
CA SER B 145 37.63 10.72 -48.03
C SER B 145 39.00 10.29 -48.51
N VAL B 146 39.28 8.99 -48.42
CA VAL B 146 40.56 8.42 -48.82
C VAL B 146 40.28 7.38 -49.91
N SER B 147 41.06 7.42 -50.99
CA SER B 147 40.88 6.44 -52.05
C SER B 147 41.41 5.07 -51.66
N GLN B 148 42.41 5.02 -50.78
CA GLN B 148 43.08 3.77 -50.43
C GLN B 148 42.48 3.17 -49.17
N LEU B 149 42.11 1.89 -49.26
CA LEU B 149 41.70 1.11 -48.09
C LEU B 149 41.92 -0.36 -48.41
N GLU B 150 42.91 -0.97 -47.76
CA GLU B 150 43.32 -2.34 -48.03
C GLU B 150 43.28 -3.14 -46.73
N LEU B 151 43.83 -4.36 -46.78
CA LEU B 151 43.88 -5.22 -45.61
C LEU B 151 44.88 -4.67 -44.57
N GLN B 152 45.91 -3.97 -45.02
CA GLN B 152 46.91 -3.40 -44.12
C GLN B 152 46.52 -2.04 -43.56
N ASP B 153 45.30 -1.56 -43.85
CA ASP B 153 44.78 -0.32 -43.32
C ASP B 153 43.46 -0.54 -42.60
N SER B 154 43.35 -1.66 -41.89
CA SER B 154 42.17 -1.92 -41.09
C SER B 154 42.43 -1.43 -39.66
N GLY B 155 41.54 -1.78 -38.74
CA GLY B 155 41.74 -1.46 -37.34
C GLY B 155 40.98 -0.21 -36.93
N THR B 156 40.87 -0.05 -35.61
CA THR B 156 40.18 1.09 -35.01
C THR B 156 41.09 2.31 -35.09
N TRP B 157 40.86 3.17 -36.08
CA TRP B 157 41.65 4.38 -36.22
C TRP B 157 41.22 5.42 -35.19
N THR B 158 42.22 6.09 -34.60
CA THR B 158 41.98 7.10 -33.58
C THR B 158 41.84 8.45 -34.27
N CYS B 159 40.59 8.83 -34.56
CA CYS B 159 40.28 10.14 -35.11
C CYS B 159 39.78 11.06 -34.00
N THR B 160 40.55 12.11 -33.72
CA THR B 160 40.18 13.09 -32.72
C THR B 160 39.93 14.45 -33.37
N VAL B 161 39.19 15.29 -32.67
CA VAL B 161 38.76 16.59 -33.17
C VAL B 161 39.25 17.66 -32.21
N LEU B 162 40.12 18.55 -32.70
CA LEU B 162 40.63 19.64 -31.89
C LEU B 162 39.76 20.88 -32.12
N GLN B 163 39.16 21.38 -31.03
CA GLN B 163 38.38 22.61 -31.09
C GLN B 163 38.41 23.26 -29.71
N ASN B 164 38.88 24.51 -29.67
CA ASN B 164 39.06 25.29 -28.43
C ASN B 164 39.93 24.55 -27.41
N GLN B 165 41.04 23.98 -27.90
CA GLN B 165 42.04 23.26 -27.12
C GLN B 165 41.45 22.07 -26.36
N LYS B 166 40.43 21.43 -26.94
CA LYS B 166 39.79 20.26 -26.38
C LYS B 166 39.69 19.18 -27.45
N LYS B 167 39.87 17.92 -27.04
CA LYS B 167 39.84 16.82 -27.99
C LYS B 167 39.44 15.53 -27.29
N VAL B 168 38.69 14.70 -28.00
CA VAL B 168 38.30 13.37 -27.54
C VAL B 168 38.55 12.37 -28.65
N GLU B 169 38.79 11.12 -28.28
CA GLU B 169 39.19 10.08 -29.21
C GLU B 169 38.00 9.20 -29.59
N PHE B 170 38.11 8.55 -30.75
CA PHE B 170 37.08 7.67 -31.26
C PHE B 170 37.72 6.49 -31.99
N LYS B 171 36.88 5.58 -32.47
CA LYS B 171 37.32 4.38 -33.15
C LYS B 171 36.52 4.21 -34.44
N ILE B 172 37.07 3.43 -35.36
CA ILE B 172 36.47 3.20 -36.66
C ILE B 172 36.43 1.70 -36.92
N ASP B 173 35.23 1.17 -37.15
CA ASP B 173 35.08 -0.24 -37.45
C ASP B 173 35.38 -0.49 -38.91
N ILE B 174 36.44 -1.26 -39.19
CA ILE B 174 36.84 -1.59 -40.55
C ILE B 174 36.88 -3.11 -40.65
N VAL B 175 36.15 -3.66 -41.61
CA VAL B 175 36.13 -5.09 -41.88
C VAL B 175 36.59 -5.28 -43.32
N VAL B 176 37.75 -5.93 -43.49
CA VAL B 176 38.27 -6.18 -44.83
C VAL B 176 38.22 -7.67 -45.14
N MET C 1 27.36 5.18 -1.94
CA MET C 1 27.62 4.89 -3.34
C MET C 1 26.95 3.60 -3.78
N ASP C 2 26.86 2.63 -2.84
CA ASP C 2 26.24 1.32 -3.11
C ASP C 2 25.16 1.08 -2.06
N TYR C 3 23.96 1.62 -2.30
CA TYR C 3 22.86 1.46 -1.35
C TYR C 3 21.99 0.27 -1.75
N GLN C 4 21.73 -0.60 -0.79
CA GLN C 4 20.94 -1.81 -0.99
C GLN C 4 19.50 -1.64 -0.54
N VAL C 5 18.77 -0.72 -1.19
CA VAL C 5 17.31 -0.65 -1.07
C VAL C 5 16.75 -0.60 -2.50
N SER C 6 16.42 -1.76 -3.05
CA SER C 6 15.67 -1.85 -4.31
C SER C 6 14.91 -3.19 -4.29
N SER C 7 13.67 -3.15 -3.80
CA SER C 7 12.85 -4.35 -3.75
C SER C 7 11.38 -4.00 -3.90
N PRO C 8 10.73 -4.40 -5.00
CA PRO C 8 9.30 -4.12 -5.15
C PRO C 8 8.39 -5.13 -4.47
N ILE C 9 8.92 -6.23 -3.94
CA ILE C 9 8.13 -7.28 -3.32
C ILE C 9 7.44 -6.78 -2.04
N ASP C 11 4.36 -7.91 1.19
CA ASP C 11 3.69 -8.99 1.89
C ASP C 11 2.25 -8.63 2.28
N ILE C 12 1.31 -9.48 1.91
CA ILE C 12 -0.09 -9.24 2.25
C ILE C 12 -0.37 -9.74 3.67
N ASN C 13 0.00 -8.90 4.64
CA ASN C 13 -0.12 -9.22 6.06
C ASN C 13 -0.23 -7.92 6.84
N TYR C 15 -0.07 -5.64 10.55
CA TYR C 15 0.98 -5.49 11.56
C TYR C 15 0.46 -5.87 12.93
N THR C 16 1.03 -6.92 13.50
CA THR C 16 0.68 -7.40 14.83
C THR C 16 1.96 -7.45 15.66
N SER C 17 1.86 -8.02 16.86
CA SER C 17 2.99 -8.15 17.75
C SER C 17 3.54 -9.57 17.77
N GLU C 18 3.05 -10.42 16.87
CA GLU C 18 3.52 -11.81 16.75
C GLU C 18 3.36 -12.16 15.28
N PRO C 19 4.46 -12.20 14.52
CA PRO C 19 4.35 -12.56 13.09
C PRO C 19 4.09 -14.05 12.94
N CYS C 20 2.98 -14.37 12.28
CA CYS C 20 2.55 -15.76 12.08
C CYS C 20 2.49 -16.03 10.59
N GLN C 21 3.43 -16.84 10.11
CA GLN C 21 3.47 -17.24 8.70
C GLN C 21 2.61 -18.49 8.59
N LYS C 22 1.36 -18.30 8.14
CA LYS C 22 0.41 -19.38 7.99
C LYS C 22 0.49 -19.92 6.56
N ILE C 23 0.76 -21.20 6.47
CA ILE C 23 0.89 -21.90 5.19
C ILE C 23 -0.48 -22.31 4.67
N ASN C 24 -0.66 -22.08 3.38
CA ASN C 24 -1.87 -22.31 2.61
C ASN C 24 -2.28 -23.79 2.60
N VAL C 25 -1.31 -24.69 2.50
CA VAL C 25 -1.61 -26.14 2.71
C VAL C 25 -2.73 -26.59 1.76
N LYS C 26 -2.91 -25.87 0.66
CA LYS C 26 -3.87 -26.25 -0.37
C LYS C 26 -3.26 -27.17 -1.42
N GLN C 27 -2.04 -26.86 -1.90
CA GLN C 27 -1.38 -27.64 -2.95
C GLN C 27 -1.04 -29.07 -2.53
N ILE C 28 -0.51 -29.24 -1.31
CA ILE C 28 -0.18 -30.57 -0.79
C ILE C 28 -1.48 -31.38 -0.63
N ALA C 29 -2.55 -30.70 -0.23
CA ALA C 29 -3.84 -31.35 -0.06
C ALA C 29 -4.51 -31.54 -1.42
N ALA C 30 -4.18 -30.70 -2.41
CA ALA C 30 -4.75 -30.87 -3.74
C ALA C 30 -4.10 -32.01 -4.52
N ARG C 31 -3.00 -32.57 -4.03
CA ARG C 31 -2.39 -33.73 -4.67
C ARG C 31 -2.79 -35.01 -3.95
N LEU C 32 -3.68 -34.91 -2.94
CA LEU C 32 -4.10 -36.06 -2.15
C LEU C 32 -5.62 -36.20 -2.14
N LEU C 33 -6.35 -35.09 -2.24
CA LEU C 33 -7.81 -35.12 -2.16
C LEU C 33 -8.55 -35.53 -3.45
N PRO C 34 -8.22 -35.03 -4.66
CA PRO C 34 -9.00 -35.45 -5.86
C PRO C 34 -8.93 -36.94 -6.18
N PRO C 35 -7.78 -37.65 -6.04
CA PRO C 35 -7.87 -39.10 -6.26
C PRO C 35 -8.61 -39.82 -5.14
N LEU C 36 -8.44 -39.37 -3.89
CA LEU C 36 -9.15 -39.98 -2.77
C LEU C 36 -10.67 -39.78 -2.89
N TYR C 37 -11.10 -38.53 -3.15
CA TYR C 37 -12.53 -38.23 -3.29
C TYR C 37 -13.14 -38.97 -4.48
N SER C 38 -12.37 -39.12 -5.57
CA SER C 38 -12.84 -39.93 -6.69
C SER C 38 -12.99 -41.39 -6.30
N LEU C 39 -12.05 -41.91 -5.52
CA LEU C 39 -12.11 -43.30 -5.06
C LEU C 39 -13.30 -43.50 -4.12
N VAL C 40 -13.57 -42.52 -3.25
CA VAL C 40 -14.77 -42.53 -2.43
C VAL C 40 -16.02 -42.52 -3.31
N PHE C 41 -16.02 -41.69 -4.36
CA PHE C 41 -17.18 -41.61 -5.26
C PHE C 41 -17.37 -42.88 -6.07
N ILE C 42 -16.29 -43.55 -6.47
CA ILE C 42 -16.40 -44.83 -7.17
C ILE C 42 -17.02 -45.88 -6.25
N PHE C 43 -16.39 -46.11 -5.09
CA PHE C 43 -16.87 -47.12 -4.15
C PHE C 43 -18.24 -46.75 -3.58
N GLY C 44 -18.49 -45.46 -3.38
CA GLY C 44 -19.76 -45.04 -2.80
C GLY C 44 -20.94 -45.22 -3.73
N PHE C 45 -20.74 -44.93 -5.03
CA PHE C 45 -21.84 -45.00 -5.98
C PHE C 45 -22.28 -46.43 -6.21
N VAL C 46 -21.33 -47.32 -6.57
CA VAL C 46 -21.66 -48.72 -6.77
C VAL C 46 -21.99 -49.40 -5.45
N GLY C 47 -21.51 -48.88 -4.32
CA GLY C 47 -21.85 -49.47 -3.04
C GLY C 47 -23.30 -49.28 -2.68
N ASN C 48 -23.78 -48.04 -2.75
CA ASN C 48 -25.14 -47.75 -2.31
C ASN C 48 -26.20 -48.19 -3.30
N MET C 49 -25.89 -48.16 -4.62
CA MET C 49 -26.85 -48.66 -5.61
C MET C 49 -27.14 -50.15 -5.42
N LEU C 50 -26.12 -50.94 -5.04
CA LEU C 50 -26.37 -52.34 -4.68
C LEU C 50 -27.29 -52.46 -3.48
N VAL C 51 -27.13 -51.58 -2.48
CA VAL C 51 -27.95 -51.64 -1.27
C VAL C 51 -29.38 -51.17 -1.60
N ILE C 52 -29.55 -50.46 -2.71
CA ILE C 52 -30.86 -50.03 -3.18
C ILE C 52 -31.50 -51.11 -4.03
N LEU C 53 -30.70 -51.81 -4.83
CA LEU C 53 -31.21 -52.93 -5.64
C LEU C 53 -31.65 -54.10 -4.76
N ILE C 54 -30.86 -54.43 -3.74
CA ILE C 54 -31.14 -55.60 -2.89
C ILE C 54 -32.39 -55.37 -2.05
N LEU C 55 -32.51 -54.23 -1.39
CA LEU C 55 -33.68 -53.97 -0.55
C LEU C 55 -34.98 -53.83 -1.35
N ILE C 56 -34.92 -53.17 -2.51
CA ILE C 56 -36.11 -52.99 -3.36
C ILE C 56 -36.62 -54.32 -3.95
N ASN C 57 -35.74 -55.24 -4.34
CA ASN C 57 -36.21 -56.45 -5.03
C ASN C 57 -35.90 -57.79 -4.38
N CYS C 58 -34.92 -57.87 -3.47
CA CYS C 58 -34.49 -59.12 -2.85
C CYS C 58 -35.04 -59.28 -1.44
N LYS C 59 -35.11 -58.18 -0.69
CA LYS C 59 -35.62 -58.16 0.68
C LYS C 59 -37.11 -57.80 0.73
N ARG C 60 -37.56 -56.79 -0.03
CA ARG C 60 -39.01 -56.41 -0.10
C ARG C 60 -39.47 -55.35 0.92
N LEU C 61 -38.56 -54.68 1.63
CA LEU C 61 -38.88 -53.58 2.56
C LEU C 61 -40.17 -53.83 3.32
N LYS C 62 -40.37 -55.09 3.73
CA LYS C 62 -41.53 -55.55 4.51
C LYS C 62 -41.63 -54.97 5.93
N SER C 63 -40.77 -54.06 6.36
CA SER C 63 -40.75 -53.61 7.75
C SER C 63 -40.25 -52.18 7.81
N MET C 64 -40.50 -51.53 8.96
CA MET C 64 -40.08 -50.14 9.16
C MET C 64 -38.56 -49.98 9.18
N THR C 65 -37.81 -51.04 9.50
CA THR C 65 -36.35 -50.90 9.57
C THR C 65 -35.75 -50.81 8.18
N ASP C 66 -36.22 -51.66 7.27
CA ASP C 66 -35.81 -51.65 5.87
C ASP C 66 -36.11 -50.32 5.17
N ILE C 67 -37.19 -49.65 5.60
CA ILE C 67 -37.54 -48.33 5.05
C ILE C 67 -36.48 -47.31 5.45
N TYR C 68 -36.04 -47.36 6.70
CA TYR C 68 -35.02 -46.43 7.16
C TYR C 68 -33.67 -46.74 6.54
N LEU C 69 -33.41 -48.03 6.26
CA LEU C 69 -32.18 -48.43 5.59
C LEU C 69 -32.14 -47.93 4.14
N LEU C 70 -33.30 -47.96 3.47
CA LEU C 70 -33.40 -47.39 2.13
C LEU C 70 -33.10 -45.90 2.12
N ASN C 71 -33.78 -45.16 3.00
CA ASN C 71 -33.62 -43.71 3.09
C ASN C 71 -32.21 -43.31 3.52
N LEU C 72 -31.54 -44.15 4.31
CA LEU C 72 -30.16 -43.89 4.68
C LEU C 72 -29.23 -44.01 3.48
N ALA C 73 -29.52 -44.95 2.57
CA ALA C 73 -28.73 -45.04 1.35
C ALA C 73 -29.03 -43.88 0.40
N ILE C 74 -30.29 -43.40 0.39
CA ILE C 74 -30.64 -42.25 -0.43
C ILE C 74 -29.98 -40.99 0.11
N SER C 75 -29.95 -40.84 1.45
CA SER C 75 -29.26 -39.73 2.09
C SER C 75 -27.78 -39.74 1.75
N ASP C 76 -27.18 -40.94 1.68
CA ASP C 76 -25.79 -41.05 1.26
C ASP C 76 -25.60 -40.66 -0.19
N LEU C 77 -26.60 -40.89 -1.05
CA LEU C 77 -26.47 -40.51 -2.46
C LEU C 77 -26.47 -39.00 -2.62
N PHE C 78 -27.29 -38.29 -1.84
CA PHE C 78 -27.29 -36.83 -1.85
C PHE C 78 -25.92 -36.29 -1.43
N PHE C 79 -25.29 -36.96 -0.47
CA PHE C 79 -23.90 -36.68 -0.15
C PHE C 79 -22.98 -36.97 -1.34
N LEU C 80 -23.25 -38.07 -2.06
CA LEU C 80 -22.35 -38.56 -3.11
C LEU C 80 -22.39 -37.68 -4.37
N LEU C 81 -23.56 -37.16 -4.73
CA LEU C 81 -23.67 -36.34 -5.93
C LEU C 81 -22.90 -35.02 -5.86
N THR C 82 -22.54 -34.57 -4.66
CA THR C 82 -21.69 -33.40 -4.52
C THR C 82 -20.21 -33.74 -4.46
N VAL C 83 -19.87 -35.03 -4.19
CA VAL C 83 -18.46 -35.42 -4.02
C VAL C 83 -17.58 -35.12 -5.23
N PRO C 84 -17.97 -35.42 -6.49
CA PRO C 84 -17.09 -35.03 -7.61
C PRO C 84 -16.88 -33.52 -7.77
N PHE C 85 -17.81 -32.69 -7.30
CA PHE C 85 -17.58 -31.25 -7.35
C PHE C 85 -16.45 -30.83 -6.41
N TRP C 86 -16.49 -31.31 -5.17
CA TRP C 86 -15.44 -30.98 -4.21
C TRP C 86 -14.10 -31.61 -4.58
N ALA C 87 -14.13 -32.77 -5.25
CA ALA C 87 -12.92 -33.36 -5.84
C ALA C 87 -12.28 -32.41 -6.85
N HIS C 88 -13.09 -31.69 -7.61
CA HIS C 88 -12.64 -30.76 -8.64
C HIS C 88 -12.66 -29.32 -8.13
N TYR C 89 -12.54 -29.15 -6.81
CA TYR C 89 -12.52 -27.86 -6.15
C TYR C 89 -11.28 -27.66 -5.31
N ALA C 90 -10.75 -28.71 -4.70
CA ALA C 90 -9.41 -28.64 -4.15
C ALA C 90 -8.39 -28.57 -5.27
N ALA C 91 -8.63 -29.31 -6.36
CA ALA C 91 -7.70 -29.36 -7.49
C ALA C 91 -7.58 -28.00 -8.17
N ALA C 92 -8.71 -27.34 -8.45
CA ALA C 92 -8.61 -26.02 -9.05
C ALA C 92 -9.33 -24.82 -8.41
N GLN C 93 -10.63 -24.68 -8.68
CA GLN C 93 -11.47 -23.72 -7.96
C GLN C 93 -12.97 -24.01 -8.06
N TRP C 94 -13.79 -22.98 -7.87
CA TRP C 94 -15.24 -23.07 -8.05
C TRP C 94 -15.68 -22.50 -9.40
N ASP C 95 -15.98 -23.38 -10.34
CA ASP C 95 -16.27 -23.01 -11.73
C ASP C 95 -17.75 -22.94 -12.01
N PHE C 96 -18.58 -23.19 -11.01
CA PHE C 96 -20.02 -23.39 -11.17
C PHE C 96 -20.89 -22.18 -10.87
N GLY C 97 -20.31 -20.98 -10.82
CA GLY C 97 -21.13 -19.79 -10.54
C GLY C 97 -21.66 -19.79 -9.12
N ASN C 98 -22.96 -19.48 -8.97
CA ASN C 98 -23.56 -19.44 -7.61
C ASN C 98 -25.02 -19.92 -7.59
N THR C 99 -25.74 -19.80 -8.71
CA THR C 99 -27.16 -20.16 -8.73
C THR C 99 -27.35 -21.62 -8.33
N MET C 100 -26.44 -22.49 -8.78
CA MET C 100 -26.35 -23.88 -8.39
C MET C 100 -25.69 -24.07 -7.02
N CYS C 101 -25.04 -23.04 -6.49
CA CYS C 101 -24.36 -23.16 -5.21
C CYS C 101 -25.33 -23.12 -4.04
N GLN C 102 -26.50 -22.52 -4.19
CA GLN C 102 -27.47 -22.57 -3.11
C GLN C 102 -28.17 -23.92 -3.03
N LEU C 103 -28.08 -24.72 -4.09
CA LEU C 103 -28.64 -26.05 -4.11
C LEU C 103 -27.62 -27.09 -3.64
N LEU C 104 -26.40 -27.02 -4.20
CA LEU C 104 -25.34 -27.98 -3.86
C LEU C 104 -24.95 -27.91 -2.39
N THR C 105 -24.79 -26.70 -1.84
CA THR C 105 -24.55 -26.53 -0.42
C THR C 105 -25.67 -27.15 0.41
N GLY C 106 -26.92 -26.93 0.01
CA GLY C 106 -28.04 -27.54 0.70
C GLY C 106 -28.05 -29.05 0.60
N LEU C 107 -27.73 -29.57 -0.60
CA LEU C 107 -27.71 -31.03 -0.82
C LEU C 107 -26.61 -31.69 0.00
N TYR C 108 -25.49 -30.99 0.20
CA TYR C 108 -24.45 -31.46 1.11
C TYR C 108 -24.98 -31.66 2.52
N PHE C 109 -25.67 -30.65 3.06
CA PHE C 109 -26.19 -30.76 4.42
C PHE C 109 -27.44 -31.62 4.51
N ILE C 110 -28.25 -31.69 3.45
CA ILE C 110 -29.38 -32.63 3.44
C ILE C 110 -28.87 -34.05 3.49
N GLY C 111 -27.79 -34.35 2.75
CA GLY C 111 -27.11 -35.62 2.92
C GLY C 111 -26.55 -35.82 4.32
N PHE C 112 -25.99 -34.76 4.90
CA PHE C 112 -25.38 -34.85 6.23
C PHE C 112 -26.43 -35.01 7.33
N PHE C 113 -27.37 -34.06 7.43
CA PHE C 113 -28.31 -34.04 8.56
C PHE C 113 -29.26 -35.23 8.56
N SER C 114 -29.84 -35.55 7.40
CA SER C 114 -30.70 -36.73 7.31
C SER C 114 -29.93 -38.02 7.54
N GLY C 115 -28.63 -38.03 7.22
CA GLY C 115 -27.78 -39.18 7.48
C GLY C 115 -27.79 -39.64 8.94
N ILE C 116 -27.58 -38.72 9.86
CA ILE C 116 -27.67 -39.09 11.27
C ILE C 116 -29.13 -39.26 11.71
N PHE C 117 -30.08 -38.59 11.06
CA PHE C 117 -31.48 -38.64 11.48
C PHE C 117 -32.07 -40.04 11.28
N PHE C 118 -31.74 -40.71 10.17
CA PHE C 118 -32.29 -42.04 9.96
C PHE C 118 -31.56 -43.10 10.76
N ILE C 119 -30.27 -42.86 11.09
CA ILE C 119 -29.55 -43.77 11.99
C ILE C 119 -30.16 -43.75 13.38
N ILE C 120 -30.55 -42.56 13.85
CA ILE C 120 -31.30 -42.44 15.10
C ILE C 120 -32.64 -43.15 15.00
N LEU C 121 -33.33 -43.01 13.86
CA LEU C 121 -34.58 -43.73 13.64
C LEU C 121 -34.37 -45.24 13.58
N LEU C 122 -33.25 -45.69 13.00
CA LEU C 122 -32.88 -47.10 13.06
C LEU C 122 -32.70 -47.56 14.51
N THR C 123 -32.00 -46.75 15.31
CA THR C 123 -31.78 -47.05 16.72
C THR C 123 -33.09 -47.13 17.50
N ILE C 124 -33.99 -46.17 17.27
CA ILE C 124 -35.24 -46.14 18.03
C ILE C 124 -36.14 -47.30 17.63
N ASP C 125 -36.18 -47.63 16.33
CA ASP C 125 -36.96 -48.78 15.84
C ASP C 125 -36.47 -50.10 16.44
N ARG C 126 -35.15 -50.26 16.58
CA ARG C 126 -34.65 -51.49 17.18
C ARG C 126 -34.82 -51.48 18.70
N TYR C 127 -34.72 -50.29 19.32
CA TYR C 127 -34.98 -50.16 20.75
C TYR C 127 -36.42 -50.51 21.10
N LEU C 128 -37.38 -49.98 20.33
CA LEU C 128 -38.79 -50.31 20.54
C LEU C 128 -39.07 -51.80 20.32
N ALA C 129 -38.37 -52.42 19.37
CA ALA C 129 -38.59 -53.83 19.06
C ALA C 129 -38.15 -54.74 20.21
N VAL C 130 -37.14 -54.36 20.97
CA VAL C 130 -36.59 -55.24 22.00
C VAL C 130 -37.30 -55.03 23.34
N VAL C 131 -37.53 -53.79 23.76
CA VAL C 131 -38.02 -53.53 25.11
C VAL C 131 -39.55 -53.44 25.13
N HIS C 132 -40.11 -52.51 24.36
CA HIS C 132 -41.55 -52.30 24.29
C HIS C 132 -42.13 -53.05 23.09
N ALA C 133 -42.16 -54.39 23.21
CA ALA C 133 -42.58 -55.24 22.10
C ALA C 133 -44.07 -55.13 21.82
N VAL C 134 -44.88 -54.88 22.84
CA VAL C 134 -46.31 -54.64 22.64
C VAL C 134 -46.52 -53.30 21.93
N PHE C 135 -45.87 -52.25 22.42
CA PHE C 135 -46.01 -50.90 21.87
C PHE C 135 -45.44 -50.81 20.45
N ALA C 136 -44.28 -51.43 20.21
CA ALA C 136 -43.63 -51.38 18.90
C ALA C 136 -44.47 -52.01 17.80
N LEU C 137 -45.12 -53.14 18.08
CA LEU C 137 -45.94 -53.81 17.06
C LEU C 137 -47.08 -52.92 16.59
N LYS C 138 -47.71 -52.19 17.52
CA LYS C 138 -48.78 -51.27 17.11
C LYS C 138 -48.23 -50.14 16.22
N ALA C 139 -47.04 -49.62 16.53
CA ALA C 139 -46.51 -48.44 15.84
C ALA C 139 -45.44 -48.71 14.78
N ARG C 140 -45.16 -49.98 14.43
CA ARG C 140 -44.12 -50.25 13.43
C ARG C 140 -44.72 -50.62 12.09
N THR C 141 -45.86 -50.02 11.77
CA THR C 141 -46.46 -50.18 10.45
C THR C 141 -45.58 -49.48 9.41
N VAL C 142 -45.45 -50.14 8.24
CA VAL C 142 -44.69 -49.59 7.12
C VAL C 142 -45.27 -48.25 6.68
N THR C 143 -46.60 -48.14 6.72
CA THR C 143 -47.30 -46.87 6.51
C THR C 143 -46.78 -45.77 7.45
N PHE C 144 -46.67 -46.09 8.75
CA PHE C 144 -46.13 -45.14 9.71
C PHE C 144 -44.64 -44.87 9.46
N GLY C 145 -43.92 -45.85 8.90
CA GLY C 145 -42.54 -45.64 8.51
C GLY C 145 -42.37 -44.59 7.42
N VAL C 146 -43.29 -44.57 6.45
CA VAL C 146 -43.18 -43.65 5.32
C VAL C 146 -43.41 -42.22 5.77
N VAL C 147 -44.50 -41.98 6.51
CA VAL C 147 -44.84 -40.63 6.97
C VAL C 147 -43.81 -40.10 7.96
N THR C 148 -43.16 -40.97 8.73
CA THR C 148 -42.06 -40.54 9.59
C THR C 148 -40.87 -40.08 8.75
N SER C 149 -40.58 -40.83 7.68
CA SER C 149 -39.46 -40.49 6.78
C SER C 149 -39.71 -39.18 6.05
N VAL C 150 -40.95 -38.94 5.61
CA VAL C 150 -41.28 -37.71 4.88
C VAL C 150 -41.06 -36.48 5.77
N ILE C 151 -41.53 -36.54 7.02
CA ILE C 151 -41.22 -35.51 8.03
C ILE C 151 -39.72 -35.38 8.23
N THR C 152 -39.00 -36.51 8.26
CA THR C 152 -37.55 -36.52 8.48
C THR C 152 -36.81 -35.81 7.36
N TRP C 153 -37.26 -35.97 6.11
CA TRP C 153 -36.64 -35.24 5.00
C TRP C 153 -36.91 -33.74 5.09
N VAL C 154 -38.13 -33.36 5.46
CA VAL C 154 -38.51 -31.94 5.61
C VAL C 154 -37.64 -31.25 6.67
N VAL C 155 -37.52 -31.87 7.84
CA VAL C 155 -36.68 -31.35 8.93
C VAL C 155 -35.23 -31.22 8.48
N ALA C 156 -34.73 -32.23 7.74
CA ALA C 156 -33.39 -32.17 7.17
C ALA C 156 -33.21 -31.00 6.21
N VAL C 157 -34.26 -30.61 5.49
CA VAL C 157 -34.19 -29.43 4.63
C VAL C 157 -34.14 -28.16 5.49
N PHE C 158 -35.01 -28.10 6.51
CA PHE C 158 -35.06 -26.94 7.40
C PHE C 158 -33.78 -26.81 8.23
N ALA C 159 -33.12 -27.95 8.54
CA ALA C 159 -31.85 -27.91 9.25
C ALA C 159 -30.72 -27.32 8.42
N SER C 160 -30.88 -27.22 7.09
CA SER C 160 -29.95 -26.53 6.22
C SER C 160 -30.45 -25.18 5.76
N LEU C 161 -31.69 -24.83 6.08
CA LEU C 161 -32.32 -23.61 5.56
C LEU C 161 -31.65 -22.30 5.98
N PRO C 162 -31.08 -22.13 7.19
CA PRO C 162 -30.23 -20.94 7.41
C PRO C 162 -29.00 -20.85 6.50
N GLY C 163 -28.43 -21.98 6.09
CA GLY C 163 -27.31 -21.94 5.15
C GLY C 163 -27.67 -21.42 3.77
N ILE C 164 -28.95 -21.45 3.40
CA ILE C 164 -29.38 -21.03 2.06
C ILE C 164 -29.79 -19.55 2.04
N ILE C 165 -29.65 -18.82 3.16
CA ILE C 165 -30.01 -17.41 3.21
C ILE C 165 -29.17 -16.58 2.25
N PHE C 166 -27.88 -16.90 2.13
CA PHE C 166 -26.99 -16.18 1.22
C PHE C 166 -25.91 -17.14 0.76
N THR C 167 -25.78 -17.29 -0.57
CA THR C 167 -24.76 -18.11 -1.21
C THR C 167 -24.04 -17.36 -2.32
N ARG C 168 -24.07 -16.04 -2.29
CA ARG C 168 -23.47 -15.21 -3.33
C ARG C 168 -21.96 -15.48 -3.42
N SER C 169 -21.45 -15.55 -4.64
CA SER C 169 -20.03 -15.82 -4.89
C SER C 169 -19.42 -14.69 -5.69
N GLN C 170 -18.29 -14.19 -5.19
CA GLN C 170 -17.52 -13.13 -5.84
C GLN C 170 -16.05 -13.52 -5.85
N LYS C 171 -15.28 -12.90 -6.74
CA LYS C 171 -13.86 -13.20 -6.82
C LYS C 171 -13.14 -12.57 -5.63
N GLU C 172 -12.88 -13.37 -4.61
CA GLU C 172 -12.06 -12.97 -3.46
C GLU C 172 -10.91 -13.95 -3.34
N GLY C 173 -9.70 -13.43 -3.28
CA GLY C 173 -8.52 -14.28 -3.29
C GLY C 173 -8.13 -14.67 -4.71
N LEU C 174 -7.54 -15.86 -4.84
CA LEU C 174 -7.03 -16.31 -6.14
C LEU C 174 -8.13 -16.46 -7.20
N HIS C 175 -9.21 -17.15 -6.80
CA HIS C 175 -10.33 -17.42 -7.74
C HIS C 175 -11.67 -17.38 -7.00
N TYR C 176 -12.75 -17.12 -7.76
CA TYR C 176 -14.12 -17.09 -7.23
C TYR C 176 -14.36 -18.21 -6.23
N THR C 177 -14.91 -17.86 -5.07
CA THR C 177 -15.33 -18.80 -4.05
C THR C 177 -16.77 -18.54 -3.63
N CYS C 178 -17.47 -19.59 -3.23
CA CYS C 178 -18.87 -19.49 -2.85
C CYS C 178 -18.96 -19.62 -1.33
N SER C 179 -18.65 -18.52 -0.66
CA SER C 179 -18.66 -18.40 0.79
C SER C 179 -19.89 -17.63 1.24
N SER C 180 -20.74 -18.27 2.05
CA SER C 180 -22.00 -17.68 2.49
C SER C 180 -21.74 -16.38 3.26
N HIS C 181 -22.30 -15.28 2.75
CA HIS C 181 -22.13 -13.96 3.36
C HIS C 181 -23.41 -13.60 4.10
N PHE C 182 -23.54 -14.16 5.29
CA PHE C 182 -24.64 -13.85 6.21
C PHE C 182 -24.52 -12.40 6.70
N PRO C 183 -25.62 -11.79 7.23
CA PRO C 183 -25.61 -10.34 7.49
C PRO C 183 -24.58 -9.86 8.51
N TYR C 184 -23.95 -8.74 8.17
CA TYR C 184 -22.87 -8.16 8.95
C TYR C 184 -23.36 -7.52 10.25
N SER C 185 -24.59 -6.98 10.26
CA SER C 185 -25.08 -6.23 11.41
C SER C 185 -25.24 -7.10 12.66
N GLN C 186 -25.60 -8.37 12.48
CA GLN C 186 -25.74 -9.32 13.58
C GLN C 186 -24.73 -10.46 13.43
N TYR C 187 -23.49 -10.09 13.08
CA TYR C 187 -22.45 -11.03 12.64
C TYR C 187 -22.07 -12.03 13.72
N GLN C 188 -21.95 -11.56 14.96
CA GLN C 188 -21.53 -12.42 16.07
C GLN C 188 -22.59 -13.48 16.38
N PHE C 189 -23.87 -13.15 16.17
CA PHE C 189 -24.95 -14.08 16.46
C PHE C 189 -24.92 -15.30 15.53
N TRP C 190 -24.89 -15.06 14.21
CA TRP C 190 -25.00 -16.16 13.24
C TRP C 190 -23.78 -17.07 13.26
N LYS C 191 -22.59 -16.51 13.50
CA LYS C 191 -21.36 -17.30 13.49
C LYS C 191 -21.36 -18.37 14.57
N ASN C 192 -21.75 -17.99 15.79
CA ASN C 192 -21.85 -18.96 16.87
C ASN C 192 -23.06 -19.87 16.69
N PHE C 193 -24.10 -19.42 15.96
CA PHE C 193 -25.33 -20.16 15.74
C PHE C 193 -25.15 -21.36 14.81
N GLN C 194 -23.97 -21.54 14.21
CA GLN C 194 -23.78 -22.61 13.23
C GLN C 194 -22.93 -23.74 13.77
N THR C 195 -21.98 -23.43 14.66
CA THR C 195 -21.15 -24.44 15.30
C THR C 195 -21.98 -25.41 16.14
N LEU C 196 -22.95 -24.86 16.90
CA LEU C 196 -23.77 -25.69 17.79
C LEU C 196 -24.70 -26.62 17.02
N LYS C 197 -25.25 -26.16 15.89
CA LYS C 197 -26.25 -26.96 15.16
C LYS C 197 -25.67 -28.25 14.59
N ILE C 198 -24.42 -28.20 14.11
CA ILE C 198 -23.77 -29.44 13.69
C ILE C 198 -23.42 -30.31 14.89
N VAL C 199 -22.95 -29.69 15.98
CA VAL C 199 -22.47 -30.47 17.11
C VAL C 199 -23.64 -31.07 17.92
N ILE C 200 -24.70 -30.29 18.14
CA ILE C 200 -25.85 -30.82 18.88
C ILE C 200 -26.57 -31.90 18.09
N LEU C 201 -26.97 -31.59 16.85
CA LEU C 201 -27.73 -32.55 16.04
C LEU C 201 -26.88 -33.73 15.60
N GLY C 202 -25.60 -33.51 15.29
CA GLY C 202 -24.78 -34.59 14.79
C GLY C 202 -23.97 -35.37 15.80
N LEU C 203 -23.69 -34.79 16.97
CA LEU C 203 -22.92 -35.50 17.99
C LEU C 203 -23.66 -35.64 19.30
N VAL C 204 -24.21 -34.55 19.85
CA VAL C 204 -24.84 -34.58 21.17
C VAL C 204 -26.12 -35.41 21.16
N LEU C 205 -27.02 -35.11 20.20
CA LEU C 205 -28.29 -35.84 20.10
C LEU C 205 -28.13 -37.35 19.86
N PRO C 206 -27.31 -37.85 18.91
CA PRO C 206 -27.18 -39.31 18.80
C PRO C 206 -26.44 -39.95 19.97
N LEU C 207 -25.58 -39.19 20.67
CA LEU C 207 -24.98 -39.70 21.89
C LEU C 207 -26.04 -39.89 22.98
N LEU C 208 -26.95 -38.92 23.10
CA LEU C 208 -28.04 -39.02 24.06
C LEU C 208 -28.97 -40.19 23.73
N VAL C 209 -29.21 -40.42 22.44
CA VAL C 209 -29.99 -41.58 22.01
C VAL C 209 -29.25 -42.87 22.35
N MET C 210 -27.94 -42.92 22.07
CA MET C 210 -27.15 -44.13 22.28
C MET C 210 -27.09 -44.53 23.75
N VAL C 211 -26.92 -43.55 24.65
CA VAL C 211 -26.92 -43.83 26.09
C VAL C 211 -28.28 -44.39 26.53
N ILE C 212 -29.37 -43.68 26.20
CA ILE C 212 -30.72 -44.10 26.58
C ILE C 212 -31.09 -45.46 25.98
N CYS C 213 -30.97 -45.58 24.65
CA CYS C 213 -31.51 -46.77 23.97
C CYS C 213 -30.68 -48.02 24.24
N TYR C 214 -29.35 -47.92 24.23
CA TYR C 214 -28.55 -49.12 24.40
C TYR C 214 -28.38 -49.52 25.85
N SER C 215 -28.88 -48.74 26.80
CA SER C 215 -28.99 -49.20 28.17
C SER C 215 -30.23 -50.06 28.37
N GLY C 216 -31.31 -49.75 27.65
CA GLY C 216 -32.48 -50.60 27.68
C GLY C 216 -32.30 -51.90 26.92
N ILE C 217 -31.46 -51.88 25.88
CA ILE C 217 -31.25 -53.07 25.06
C ILE C 217 -30.31 -54.04 25.76
N LEU C 218 -29.24 -53.52 26.37
CA LEU C 218 -28.28 -54.35 27.10
C LEU C 218 -28.91 -55.04 28.31
N LYS C 219 -30.00 -54.48 28.85
CA LYS C 219 -30.76 -55.12 29.93
C LYS C 219 -31.26 -56.50 29.51
N THR C 220 -31.64 -56.67 28.23
CA THR C 220 -32.05 -57.98 27.73
C THR C 220 -30.89 -58.97 27.75
N LEU C 221 -29.67 -58.49 27.48
CA LEU C 221 -28.50 -59.36 27.50
C LEU C 221 -28.18 -59.84 28.92
N LEU C 222 -28.51 -59.03 29.93
CA LEU C 222 -28.30 -59.45 31.31
C LEU C 222 -29.30 -60.50 31.75
N ARG C 223 -30.53 -60.44 31.22
CA ARG C 223 -31.58 -61.35 31.68
C ARG C 223 -31.36 -62.77 31.16
N CYS C 224 -31.29 -62.94 29.83
CA CYS C 224 -31.19 -64.25 29.23
C CYS C 224 -30.42 -64.17 27.92
N ARG C 225 -29.97 -65.33 27.45
CA ARG C 225 -29.26 -65.45 26.19
C ARG C 225 -29.95 -66.45 25.26
N ASN C 226 -31.27 -66.59 25.40
CA ASN C 226 -32.01 -67.66 24.73
C ASN C 226 -32.08 -67.46 23.21
N GLU C 227 -32.18 -66.21 22.75
CA GLU C 227 -32.36 -65.92 21.33
C GLU C 227 -31.09 -65.26 20.81
N LYS C 228 -30.30 -66.02 20.03
CA LYS C 228 -29.09 -65.47 19.43
C LYS C 228 -29.41 -64.43 18.37
N LYS C 229 -30.47 -64.67 17.57
CA LYS C 229 -30.80 -63.80 16.45
C LYS C 229 -31.23 -62.40 16.92
N ARG C 230 -31.84 -62.30 18.10
CA ARG C 230 -32.10 -60.99 18.69
C ARG C 230 -30.81 -60.28 19.07
N HIS C 231 -29.85 -61.02 19.63
CA HIS C 231 -28.55 -60.44 19.96
C HIS C 231 -27.76 -60.07 18.72
N ARG C 232 -27.85 -60.88 17.67
CA ARG C 232 -27.11 -60.62 16.43
C ARG C 232 -27.71 -59.47 15.65
N ALA C 233 -29.02 -59.22 15.80
CA ALA C 233 -29.66 -58.12 15.09
C ALA C 233 -29.23 -56.77 15.64
N VAL C 234 -29.04 -56.68 16.96
CA VAL C 234 -28.54 -55.45 17.60
C VAL C 234 -27.13 -55.11 17.12
N ARG C 235 -26.36 -56.12 16.70
CA ARG C 235 -24.98 -55.91 16.25
C ARG C 235 -24.92 -55.05 14.98
N LEU C 236 -25.93 -55.14 14.13
CA LEU C 236 -25.98 -54.32 12.92
C LEU C 236 -26.18 -52.84 13.26
N ILE C 237 -27.23 -52.55 14.04
CA ILE C 237 -27.57 -51.16 14.37
C ILE C 237 -26.51 -50.53 15.26
N PHE C 238 -25.86 -51.33 16.12
CA PHE C 238 -24.82 -50.81 17.00
C PHE C 238 -23.57 -50.42 16.21
N THR C 239 -23.20 -51.23 15.22
CA THR C 239 -22.01 -50.96 14.41
C THR C 239 -22.15 -49.67 13.60
N ILE C 240 -23.33 -49.46 13.01
CA ILE C 240 -23.61 -48.27 12.21
C ILE C 240 -23.44 -47.00 13.03
N MET C 241 -23.92 -47.01 14.28
CA MET C 241 -23.81 -45.84 15.15
C MET C 241 -22.35 -45.52 15.49
N ILE C 242 -21.55 -46.53 15.81
CA ILE C 242 -20.21 -46.24 16.32
C ILE C 242 -19.23 -45.93 15.18
N VAL C 243 -19.41 -46.54 14.01
CA VAL C 243 -18.60 -46.19 12.84
C VAL C 243 -18.89 -44.76 12.40
N TYR C 244 -20.15 -44.31 12.52
CA TYR C 244 -20.48 -42.90 12.34
C TYR C 244 -19.73 -42.02 13.33
N PHE C 245 -19.62 -42.48 14.59
CA PHE C 245 -18.91 -41.71 15.60
C PHE C 245 -17.40 -41.75 15.38
N LEU C 246 -16.87 -42.87 14.89
CA LEU C 246 -15.44 -42.96 14.60
C LEU C 246 -15.02 -41.98 13.50
N PHE C 247 -15.91 -41.74 12.54
CA PHE C 247 -15.57 -40.93 11.37
C PHE C 247 -16.03 -39.47 11.43
N TRP C 248 -17.00 -39.13 12.27
CA TRP C 248 -17.53 -37.76 12.28
C TRP C 248 -17.27 -36.99 13.57
N ALA C 249 -17.21 -37.67 14.72
CA ALA C 249 -16.91 -36.98 15.97
C ALA C 249 -15.53 -36.31 16.05
N PRO C 250 -14.44 -36.80 15.42
CA PRO C 250 -13.23 -35.96 15.36
C PRO C 250 -13.45 -34.62 14.67
N TYR C 251 -14.26 -34.58 13.61
CA TYR C 251 -14.59 -33.31 12.97
C TYR C 251 -15.40 -32.40 13.90
N ASN C 252 -16.38 -32.97 14.59
CA ASN C 252 -17.26 -32.20 15.48
C ASN C 252 -16.47 -31.55 16.62
N ILE C 253 -15.48 -32.25 17.16
CA ILE C 253 -14.63 -31.68 18.21
C ILE C 253 -13.80 -30.54 17.66
N VAL C 254 -13.16 -30.74 16.49
CA VAL C 254 -12.33 -29.71 15.87
C VAL C 254 -13.18 -28.51 15.46
N LEU C 255 -14.42 -28.75 15.00
CA LEU C 255 -15.29 -27.67 14.55
C LEU C 255 -15.64 -26.71 15.68
N LEU C 256 -15.77 -27.22 16.90
CA LEU C 256 -15.90 -26.35 18.07
C LEU C 256 -14.64 -25.53 18.28
N LEU C 257 -13.47 -26.15 18.13
CA LEU C 257 -12.20 -25.45 18.30
C LEU C 257 -11.96 -24.40 17.22
N ASN C 258 -12.50 -24.62 16.02
CA ASN C 258 -12.27 -23.70 14.90
C ASN C 258 -12.86 -22.32 15.18
N THR C 259 -14.09 -22.29 15.69
CA THR C 259 -14.69 -21.01 16.07
C THR C 259 -14.09 -20.47 17.35
N PHE C 260 -13.90 -21.34 18.35
CA PHE C 260 -13.43 -20.91 19.67
C PHE C 260 -11.91 -21.00 19.75
N GLN C 261 -11.26 -20.03 19.11
CA GLN C 261 -9.83 -19.77 19.30
C GLN C 261 -9.60 -18.64 20.28
N GLU C 262 -10.64 -18.17 20.95
CA GLU C 262 -10.57 -17.10 21.95
C GLU C 262 -10.22 -17.73 23.31
N PHE C 263 -10.51 -16.99 24.39
CA PHE C 263 -10.21 -17.39 25.77
C PHE C 263 -10.75 -18.77 26.13
N PHE C 264 -11.85 -19.20 25.49
CA PHE C 264 -12.44 -20.52 25.73
C PHE C 264 -11.45 -21.65 25.47
N GLY C 265 -10.67 -21.55 24.39
CA GLY C 265 -9.73 -22.61 24.07
C GLY C 265 -8.27 -22.21 24.07
N LEU C 266 -7.65 -22.19 22.90
CA LEU C 266 -6.23 -21.88 22.76
C LEU C 266 -6.07 -20.66 21.87
N ASN C 267 -5.10 -19.80 22.23
CA ASN C 267 -4.95 -18.51 21.58
C ASN C 267 -3.72 -18.39 20.69
N ASN C 268 -2.72 -19.27 20.85
CA ASN C 268 -1.51 -19.22 20.04
C ASN C 268 -1.82 -19.44 18.56
N CYS C 269 -1.06 -18.75 17.70
CA CYS C 269 -1.24 -18.94 16.26
C CYS C 269 -0.67 -20.27 15.80
N SER C 270 0.42 -20.73 16.44
CA SER C 270 0.96 -22.05 16.16
C SER C 270 0.02 -23.16 16.62
N SER C 271 -0.80 -22.88 17.65
CA SER C 271 -1.88 -23.79 17.99
C SER C 271 -2.96 -23.82 16.89
N SER C 272 -3.15 -22.70 16.20
CA SER C 272 -4.06 -22.64 15.06
C SER C 272 -3.40 -23.04 13.75
N ASN C 273 -2.09 -23.28 13.76
CA ASN C 273 -1.40 -23.73 12.55
C ASN C 273 -1.32 -25.24 12.49
N ARG C 274 -1.25 -25.90 13.65
CA ARG C 274 -1.54 -27.34 13.69
C ARG C 274 -3.02 -27.60 13.47
N LEU C 275 -3.88 -26.70 13.95
CA LEU C 275 -5.32 -26.81 13.75
C LEU C 275 -5.71 -26.62 12.29
N ASP C 276 -4.92 -25.88 11.52
CA ASP C 276 -5.17 -25.74 10.09
C ASP C 276 -4.97 -27.06 9.36
N GLN C 277 -4.10 -27.93 9.88
CA GLN C 277 -3.89 -29.25 9.32
C GLN C 277 -4.75 -30.31 9.99
N ALA C 278 -5.58 -29.91 10.95
CA ALA C 278 -6.48 -30.81 11.65
C ALA C 278 -7.91 -30.78 11.10
N MET C 279 -8.40 -29.59 10.73
CA MET C 279 -9.77 -29.46 10.25
C MET C 279 -9.98 -30.18 8.92
N GLN C 280 -9.00 -30.11 8.03
CA GLN C 280 -9.17 -30.69 6.70
C GLN C 280 -9.10 -32.21 6.72
N VAL C 281 -8.26 -32.78 7.58
CA VAL C 281 -8.14 -34.24 7.67
C VAL C 281 -9.43 -34.85 8.22
N THR C 282 -9.99 -34.24 9.28
CA THR C 282 -11.19 -34.78 9.89
C THR C 282 -12.43 -34.53 9.03
N GLU C 283 -12.42 -33.48 8.22
CA GLU C 283 -13.46 -33.30 7.22
C GLU C 283 -13.34 -34.36 6.12
N THR C 284 -12.10 -34.70 5.74
CA THR C 284 -11.87 -35.73 4.73
C THR C 284 -12.29 -37.10 5.25
N LEU C 285 -11.98 -37.39 6.53
CA LEU C 285 -12.44 -38.61 7.18
C LEU C 285 -13.96 -38.71 7.19
N GLY C 286 -14.64 -37.59 7.48
CA GLY C 286 -16.08 -37.54 7.35
C GLY C 286 -16.57 -37.79 5.93
N MET C 287 -15.83 -37.28 4.93
CA MET C 287 -16.21 -37.47 3.53
C MET C 287 -16.20 -38.94 3.13
N THR C 288 -15.27 -39.72 3.68
CA THR C 288 -15.15 -41.13 3.35
C THR C 288 -16.27 -41.99 3.92
N HIS C 289 -17.09 -41.46 4.84
CA HIS C 289 -18.07 -42.29 5.55
C HIS C 289 -19.18 -42.81 4.63
N CYS C 290 -19.48 -42.10 3.53
CA CYS C 290 -20.62 -42.44 2.69
C CYS C 290 -20.49 -43.77 1.95
N CYS C 291 -19.29 -44.33 1.87
CA CYS C 291 -19.09 -45.64 1.25
C CYS C 291 -18.94 -46.76 2.27
N ILE C 292 -18.91 -46.43 3.55
CA ILE C 292 -18.60 -47.42 4.58
C ILE C 292 -19.83 -48.24 4.94
N ASN C 293 -21.01 -47.62 4.90
CA ASN C 293 -22.25 -48.32 5.25
C ASN C 293 -22.58 -49.54 4.39
N PRO C 294 -22.33 -49.57 3.06
CA PRO C 294 -22.44 -50.87 2.37
C PRO C 294 -21.37 -51.87 2.78
N ILE C 295 -20.15 -51.41 3.07
CA ILE C 295 -19.07 -52.30 3.52
C ILE C 295 -19.44 -52.95 4.85
N ILE C 296 -20.06 -52.19 5.75
CA ILE C 296 -20.58 -52.73 7.01
C ILE C 296 -21.63 -53.81 6.74
N TYR C 297 -22.47 -53.60 5.73
CA TYR C 297 -23.53 -54.56 5.41
C TYR C 297 -22.98 -55.88 4.89
N ALA C 298 -21.80 -55.85 4.27
CA ALA C 298 -21.18 -57.08 3.78
C ALA C 298 -20.37 -57.81 4.84
N PHE C 299 -20.13 -57.19 6.01
CA PHE C 299 -19.39 -57.81 7.09
C PHE C 299 -20.26 -58.13 8.29
N VAL C 300 -20.96 -57.13 8.83
CA VAL C 300 -21.76 -57.33 10.04
C VAL C 300 -23.09 -57.99 9.71
N GLY C 301 -23.76 -57.52 8.66
CA GLY C 301 -25.11 -57.92 8.31
C GLY C 301 -25.27 -59.38 7.93
N GLU C 302 -26.05 -60.12 8.74
CA GLU C 302 -26.26 -61.54 8.54
C GLU C 302 -27.55 -61.83 7.77
N LYS C 303 -28.06 -60.83 7.06
CA LYS C 303 -29.19 -61.01 6.16
C LYS C 303 -28.85 -60.72 4.71
N PHE C 304 -27.82 -59.91 4.44
CA PHE C 304 -27.48 -59.50 3.09
C PHE C 304 -26.42 -60.42 2.48
N ARG C 305 -25.27 -60.51 3.11
CA ARG C 305 -24.14 -61.33 2.65
C ARG C 305 -23.69 -62.29 3.74
N ASN C 306 -24.66 -62.98 4.35
CA ASN C 306 -24.34 -63.95 5.40
C ASN C 306 -23.62 -65.17 4.84
N TYR C 307 -23.95 -65.56 3.60
CA TYR C 307 -23.27 -66.67 2.96
C TYR C 307 -21.83 -66.32 2.58
N LEU C 308 -21.52 -65.03 2.44
CA LEU C 308 -20.16 -64.61 2.16
C LEU C 308 -19.28 -64.69 3.40
N LEU C 309 -19.87 -64.59 4.59
CA LEU C 309 -19.09 -64.71 5.81
C LEU C 309 -18.62 -66.14 6.03
N VAL C 310 -19.46 -67.11 5.68
CA VAL C 310 -19.06 -68.52 5.76
C VAL C 310 -18.08 -68.85 4.64
N PHE C 311 -18.29 -68.27 3.46
CA PHE C 311 -17.41 -68.54 2.32
C PHE C 311 -16.03 -67.92 2.49
N PHE C 312 -15.93 -66.81 3.23
CA PHE C 312 -14.64 -66.19 3.45
C PHE C 312 -13.81 -66.97 4.47
N GLN C 313 -14.45 -67.47 5.51
CA GLN C 313 -13.74 -68.22 6.55
C GLN C 313 -13.61 -69.69 6.17
#